data_9NEM
#
_entry.id   9NEM
#
_cell.length_a   79.159
_cell.length_b   81.039
_cell.length_c   192.330
_cell.angle_alpha   90.000
_cell.angle_beta   90.000
_cell.angle_gamma   90.000
#
_symmetry.space_group_name_H-M   'P 21 21 21'
#
loop_
_entity.id
_entity.type
_entity.pdbx_description
1 polymer 'Protein unc-119 homolog A'
2 non-polymer FARNESYL
3 water water
#
_entity_poly.entity_id   1
_entity_poly.type   'polypeptide(L)'
_entity_poly.pdbx_seq_one_letter_code
;MGSSHHHHHHSSKQPIGPEDVLGLQRITGDYLCSPEENIYKIDFVRFKIRDMDSGTVLFEIKKPPVSERLPINRRDLDPN
AGRFVRYQFTPAFLRLRQVGATVEFTVGDKPVNNFRMIERHYFRNQLLKSFDFHFGFCIPSSKNTCEHIYDFPPLSEELI
SEMIRHPYETQSDSFYFVDDRLVMHNKADYSYSGTP
;
_entity_poly.pdbx_strand_id   A,B,C,D,E,F
#
loop_
_chem_comp.id
_chem_comp.type
_chem_comp.name
_chem_comp.formula
FAR non-polymer FARNESYL 'C15 H26'
#
# COMPACT_ATOMS: atom_id res chain seq x y z
N PRO A 15 20.10 13.44 -5.85
CA PRO A 15 18.71 13.26 -6.26
C PRO A 15 18.14 11.88 -5.93
N ILE A 16 18.75 10.81 -6.43
CA ILE A 16 18.22 9.47 -6.26
C ILE A 16 18.83 8.84 -5.00
N GLY A 17 17.97 8.53 -4.03
CA GLY A 17 18.41 7.87 -2.82
C GLY A 17 17.91 6.43 -2.77
N PRO A 18 18.29 5.71 -1.71
CA PRO A 18 17.80 4.32 -1.57
C PRO A 18 16.29 4.22 -1.48
N GLU A 19 15.61 5.23 -0.93
CA GLU A 19 14.16 5.16 -0.80
C GLU A 19 13.45 5.25 -2.14
N ASP A 20 14.10 5.79 -3.17
CA ASP A 20 13.47 5.86 -4.48
C ASP A 20 13.38 4.50 -5.15
N VAL A 21 14.28 3.57 -4.81
CA VAL A 21 14.31 2.27 -5.47
C VAL A 21 13.77 1.14 -4.58
N LEU A 22 13.67 1.35 -3.27
CA LEU A 22 13.33 0.26 -2.37
C LEU A 22 11.90 -0.25 -2.55
N GLY A 23 11.03 0.50 -3.21
CA GLY A 23 9.65 0.08 -3.37
C GLY A 23 9.23 -0.30 -4.77
N LEU A 24 10.18 -0.25 -5.72
CA LEU A 24 9.86 -0.47 -7.13
C LEU A 24 9.24 -1.84 -7.35
N GLN A 25 8.24 -1.90 -8.23
CA GLN A 25 7.54 -3.13 -8.55
C GLN A 25 7.77 -3.57 -9.99
N ARG A 26 8.67 -2.91 -10.70
CA ARG A 26 8.96 -3.22 -12.09
C ARG A 26 10.42 -2.91 -12.36
N ILE A 27 10.96 -3.52 -13.42
CA ILE A 27 12.25 -3.10 -13.93
C ILE A 27 12.14 -1.68 -14.46
N THR A 28 13.18 -0.88 -14.23
CA THR A 28 13.17 0.50 -14.73
C THR A 28 13.26 0.51 -16.25
N GLY A 29 12.67 1.54 -16.85
CA GLY A 29 12.70 1.66 -18.30
C GLY A 29 14.01 2.16 -18.87
N ASP A 30 14.83 2.79 -18.04
CA ASP A 30 16.11 3.34 -18.46
C ASP A 30 17.05 3.32 -17.26
N TYR A 31 18.34 3.49 -17.53
CA TYR A 31 19.29 3.66 -16.44
C TYR A 31 18.98 4.94 -15.68
N LEU A 32 19.03 4.87 -14.36
CA LEU A 32 18.68 6.01 -13.52
C LEU A 32 19.87 6.93 -13.24
N CYS A 33 21.08 6.52 -13.61
CA CYS A 33 22.25 7.36 -13.44
C CYS A 33 23.16 7.18 -14.65
N SER A 34 23.91 8.20 -14.95
CA SER A 34 24.88 8.15 -16.02
C SER A 34 26.21 7.61 -15.52
N PRO A 35 27.02 7.03 -16.41
CA PRO A 35 28.34 6.53 -15.97
C PRO A 35 29.23 7.61 -15.40
N GLU A 36 29.03 8.89 -15.77
CA GLU A 36 29.86 9.96 -15.25
C GLU A 36 29.66 10.16 -13.74
N GLU A 37 28.48 9.82 -13.23
CA GLU A 37 28.20 10.02 -11.81
C GLU A 37 28.98 9.07 -10.92
N ASN A 38 29.64 8.05 -11.49
CA ASN A 38 30.49 7.16 -10.71
C ASN A 38 31.76 7.90 -10.32
N ILE A 39 31.62 8.88 -9.41
CA ILE A 39 32.72 9.77 -9.10
C ILE A 39 33.80 9.10 -8.26
N TYR A 40 33.49 7.98 -7.62
CA TYR A 40 34.47 7.29 -6.78
C TYR A 40 35.29 6.27 -7.55
N LYS A 41 35.08 6.16 -8.87
CA LYS A 41 35.89 5.27 -9.73
C LYS A 41 35.84 3.82 -9.25
N ILE A 42 34.64 3.32 -9.01
CA ILE A 42 34.43 1.94 -8.58
C ILE A 42 34.30 1.07 -9.82
N ASP A 43 35.12 0.02 -9.89
CA ASP A 43 35.11 -0.87 -11.05
C ASP A 43 35.17 -2.32 -10.56
N PHE A 44 34.11 -3.08 -10.82
CA PHE A 44 34.06 -4.48 -10.47
C PHE A 44 34.90 -5.29 -11.44
N VAL A 45 35.85 -6.07 -10.91
CA VAL A 45 36.80 -6.79 -11.74
C VAL A 45 36.65 -8.30 -11.66
N ARG A 46 35.93 -8.84 -10.67
CA ARG A 46 35.74 -10.28 -10.59
C ARG A 46 34.41 -10.58 -9.93
N PHE A 47 33.78 -11.67 -10.37
CA PHE A 47 32.49 -12.10 -9.83
C PHE A 47 32.44 -13.61 -9.85
N LYS A 48 32.22 -14.23 -8.69
CA LYS A 48 32.19 -15.68 -8.57
C LYS A 48 31.00 -16.11 -7.71
N ILE A 49 30.24 -17.08 -8.20
CA ILE A 49 29.04 -17.57 -7.55
C ILE A 49 29.26 -19.01 -7.10
N ARG A 50 29.00 -19.28 -5.82
CA ARG A 50 29.19 -20.61 -5.23
C ARG A 50 27.90 -21.05 -4.56
N ASP A 51 27.48 -22.28 -4.82
CA ASP A 51 26.32 -22.84 -4.15
C ASP A 51 26.74 -23.35 -2.77
N MET A 52 26.14 -22.81 -1.71
CA MET A 52 26.56 -23.12 -0.35
C MET A 52 26.17 -24.51 0.10
N ASP A 53 25.42 -25.28 -0.69
CA ASP A 53 25.06 -26.64 -0.35
C ASP A 53 25.83 -27.70 -1.14
N SER A 54 26.55 -27.31 -2.19
CA SER A 54 27.37 -28.25 -2.94
C SER A 54 28.80 -27.79 -3.16
N GLY A 55 29.14 -26.54 -2.84
CA GLY A 55 30.44 -25.99 -3.15
C GLY A 55 30.69 -25.77 -4.62
N THR A 56 29.68 -25.98 -5.47
CA THR A 56 29.87 -25.84 -6.91
C THR A 56 29.97 -24.37 -7.31
N VAL A 57 30.97 -24.04 -8.10
CA VAL A 57 31.03 -22.72 -8.73
C VAL A 57 30.02 -22.69 -9.87
N LEU A 58 29.02 -21.82 -9.77
CA LEU A 58 27.97 -21.74 -10.77
C LEU A 58 28.29 -20.73 -11.87
N PHE A 59 29.20 -19.80 -11.63
CA PHE A 59 29.55 -18.78 -12.61
C PHE A 59 30.76 -18.00 -12.10
N GLU A 60 31.66 -17.66 -13.03
CA GLU A 60 32.83 -16.87 -12.66
C GLU A 60 33.36 -16.15 -13.90
N ILE A 61 33.57 -14.84 -13.77
CA ILE A 61 34.20 -14.01 -14.80
C ILE A 61 35.26 -13.15 -14.15
N LYS A 62 36.27 -12.78 -14.94
CA LYS A 62 37.28 -11.81 -14.55
C LYS A 62 37.34 -10.72 -15.60
N LYS A 63 37.28 -9.47 -15.16
CA LYS A 63 37.34 -8.35 -16.09
C LYS A 63 38.73 -8.25 -16.71
N PRO A 64 38.84 -8.06 -18.02
CA PRO A 64 40.14 -7.92 -18.72
C PRO A 64 41.00 -6.78 -18.15
N PRO A 79 26.75 1.94 -26.03
CA PRO A 79 25.30 1.99 -25.81
C PRO A 79 24.95 1.73 -24.35
N ASN A 80 24.80 0.44 -24.00
CA ASN A 80 24.75 0.08 -22.59
C ASN A 80 26.07 0.35 -21.89
N ALA A 81 27.17 0.44 -22.66
CA ALA A 81 28.50 0.78 -22.15
C ALA A 81 28.96 -0.25 -21.11
N GLY A 82 28.60 -1.51 -21.33
CA GLY A 82 29.00 -2.58 -20.43
C GLY A 82 28.18 -2.69 -19.16
N ARG A 83 27.04 -2.02 -19.09
CA ARG A 83 26.20 -2.05 -17.89
C ARG A 83 25.10 -3.10 -17.96
N PHE A 84 25.08 -3.92 -19.02
CA PHE A 84 24.11 -4.99 -19.17
C PHE A 84 24.85 -6.31 -19.31
N VAL A 85 24.30 -7.35 -18.68
CA VAL A 85 24.87 -8.69 -18.71
C VAL A 85 23.74 -9.69 -18.93
N ARG A 86 23.99 -10.70 -19.77
CA ARG A 86 23.07 -11.81 -19.97
C ARG A 86 23.63 -13.05 -19.28
N TYR A 87 22.78 -13.74 -18.52
CA TYR A 87 23.17 -14.90 -17.75
C TYR A 87 22.43 -16.14 -18.24
N GLN A 88 23.19 -17.22 -18.47
CA GLN A 88 22.63 -18.51 -18.86
C GLN A 88 22.81 -19.47 -17.69
N PHE A 89 21.70 -19.80 -17.03
CA PHE A 89 21.70 -20.71 -15.90
C PHE A 89 20.93 -21.98 -16.26
N THR A 90 20.85 -22.90 -15.30
CA THR A 90 20.15 -24.17 -15.44
C THR A 90 18.88 -24.18 -14.59
N PRO A 91 17.96 -25.11 -14.84
CA PRO A 91 16.76 -25.20 -13.99
C PRO A 91 17.05 -25.42 -12.51
N ALA A 92 18.13 -26.14 -12.17
CA ALA A 92 18.44 -26.39 -10.77
C ALA A 92 18.65 -25.09 -10.00
N PHE A 93 19.13 -24.05 -10.69
CA PHE A 93 19.39 -22.75 -10.07
C PHE A 93 18.18 -22.23 -9.32
N LEU A 94 16.98 -22.44 -9.86
CA LEU A 94 15.76 -21.90 -9.27
C LEU A 94 15.34 -22.62 -7.99
N ARG A 95 16.02 -23.70 -7.61
CA ARG A 95 15.72 -24.40 -6.37
C ARG A 95 16.83 -24.29 -5.34
N LEU A 96 17.85 -23.47 -5.60
CA LEU A 96 18.94 -23.29 -4.65
C LEU A 96 18.44 -22.58 -3.39
N ARG A 97 19.07 -22.91 -2.26
CA ARG A 97 18.74 -22.27 -1.00
C ARG A 97 19.58 -21.01 -0.76
N GLN A 98 20.90 -21.13 -0.92
CA GLN A 98 21.80 -20.05 -0.53
C GLN A 98 23.03 -20.08 -1.42
N VAL A 99 23.44 -18.90 -1.88
CA VAL A 99 24.51 -18.75 -2.85
C VAL A 99 25.45 -17.66 -2.34
N GLY A 100 26.75 -17.97 -2.34
CA GLY A 100 27.77 -17.03 -1.91
C GLY A 100 28.41 -16.33 -3.09
N ALA A 101 28.33 -15.00 -3.10
CA ALA A 101 28.87 -14.19 -4.18
C ALA A 101 30.16 -13.54 -3.72
N THR A 102 31.26 -13.85 -4.40
CA THR A 102 32.53 -13.18 -4.18
C THR A 102 32.69 -12.08 -5.23
N VAL A 103 32.92 -10.86 -4.77
CA VAL A 103 32.98 -9.68 -5.63
C VAL A 103 34.26 -8.92 -5.33
N GLU A 104 35.03 -8.62 -6.38
CA GLU A 104 36.26 -7.85 -6.26
C GLU A 104 36.14 -6.58 -7.08
N PHE A 105 36.57 -5.46 -6.49
CA PHE A 105 36.46 -4.17 -7.14
C PHE A 105 37.59 -3.27 -6.68
N THR A 106 37.94 -2.31 -7.53
CA THR A 106 38.90 -1.27 -7.21
C THR A 106 38.16 0.03 -6.89
N VAL A 107 38.86 0.92 -6.21
CA VAL A 107 38.30 2.19 -5.76
C VAL A 107 39.30 3.29 -6.06
N GLY A 108 38.79 4.49 -6.33
CA GLY A 108 39.62 5.65 -6.58
C GLY A 108 40.22 6.22 -5.31
N ASP A 109 40.57 7.51 -5.37
CA ASP A 109 41.23 8.17 -4.26
C ASP A 109 40.24 8.75 -3.24
N LYS A 110 39.04 9.09 -3.68
CA LYS A 110 38.04 9.61 -2.75
C LYS A 110 37.65 8.52 -1.76
N PRO A 111 37.69 8.79 -0.45
CA PRO A 111 37.21 7.80 0.51
C PRO A 111 35.73 7.51 0.29
N VAL A 112 35.38 6.23 0.43
CA VAL A 112 34.02 5.75 0.20
C VAL A 112 33.46 5.28 1.53
N ASN A 113 32.31 5.85 1.92
CA ASN A 113 31.62 5.46 3.14
C ASN A 113 30.16 5.20 2.82
N ASN A 114 29.58 4.20 3.51
CA ASN A 114 28.18 3.81 3.34
C ASN A 114 27.92 3.26 1.94
N PHE A 115 28.85 2.43 1.45
CA PHE A 115 28.67 1.74 0.18
C PHE A 115 27.56 0.70 0.32
N ARG A 116 26.62 0.69 -0.62
CA ARG A 116 25.42 -0.11 -0.47
C ARG A 116 24.89 -0.55 -1.82
N MET A 117 24.60 -1.84 -1.97
CA MET A 117 23.97 -2.36 -3.17
C MET A 117 22.56 -2.82 -2.84
N ILE A 118 21.62 -2.49 -3.72
CA ILE A 118 20.23 -2.92 -3.61
C ILE A 118 19.85 -3.52 -4.96
N GLU A 119 19.70 -4.84 -5.01
CA GLU A 119 19.55 -5.58 -6.25
C GLU A 119 18.19 -6.26 -6.26
N ARG A 120 17.36 -5.88 -7.24
CA ARG A 120 15.97 -6.32 -7.32
C ARG A 120 15.77 -7.19 -8.54
N HIS A 121 15.12 -8.34 -8.37
CA HIS A 121 14.88 -9.28 -9.44
C HIS A 121 13.39 -9.35 -9.75
N TYR A 122 13.06 -9.42 -11.04
CA TYR A 122 11.68 -9.46 -11.49
C TYR A 122 11.52 -10.51 -12.58
N PHE A 123 10.43 -11.24 -12.53
CA PHE A 123 9.96 -12.02 -13.67
C PHE A 123 8.65 -11.41 -14.15
N ARG A 124 8.61 -11.02 -15.42
CA ARG A 124 7.41 -10.44 -16.04
C ARG A 124 6.84 -9.30 -15.19
N ASN A 125 7.73 -8.41 -14.74
CA ASN A 125 7.37 -7.25 -13.92
C ASN A 125 6.74 -7.65 -12.58
N GLN A 126 7.06 -8.85 -12.09
CA GLN A 126 6.59 -9.29 -10.76
C GLN A 126 7.81 -9.51 -9.87
N LEU A 127 7.90 -8.72 -8.80
CA LEU A 127 9.05 -8.75 -7.92
C LEU A 127 9.28 -10.15 -7.33
N LEU A 128 10.45 -10.72 -7.60
CA LEU A 128 10.82 -11.99 -6.97
C LEU A 128 11.45 -11.73 -5.60
N LYS A 129 12.54 -10.97 -5.57
CA LYS A 129 13.24 -10.66 -4.33
C LYS A 129 14.09 -9.42 -4.55
N SER A 130 14.30 -8.68 -3.46
CA SER A 130 15.22 -7.56 -3.44
C SER A 130 16.27 -7.82 -2.36
N PHE A 131 17.54 -7.71 -2.73
CA PHE A 131 18.65 -7.96 -1.83
C PHE A 131 19.30 -6.63 -1.48
N ASP A 132 19.56 -6.44 -0.18
CA ASP A 132 20.14 -5.21 0.35
C ASP A 132 21.44 -5.58 1.06
N PHE A 133 22.57 -5.24 0.44
CA PHE A 133 23.88 -5.56 0.99
C PHE A 133 24.62 -4.26 1.31
N HIS A 134 25.14 -4.17 2.53
CA HIS A 134 26.03 -3.09 2.92
C HIS A 134 27.46 -3.61 2.84
N PHE A 135 28.29 -2.93 2.05
CA PHE A 135 29.69 -3.31 1.96
C PHE A 135 30.41 -2.98 3.27
N GLY A 136 31.50 -3.70 3.51
CA GLY A 136 32.35 -3.36 4.62
C GLY A 136 33.16 -2.12 4.34
N PHE A 137 34.19 -1.87 5.13
CA PHE A 137 35.02 -0.69 4.90
C PHE A 137 35.80 -0.85 3.61
N CYS A 138 35.80 0.20 2.79
CA CYS A 138 36.44 0.18 1.48
C CYS A 138 37.76 0.93 1.55
N ILE A 139 38.85 0.22 1.26
CA ILE A 139 40.18 0.82 1.24
C ILE A 139 40.36 1.61 -0.05
N PRO A 140 40.56 2.92 0.02
CA PRO A 140 40.68 3.72 -1.20
C PRO A 140 41.96 3.42 -1.97
N SER A 141 41.91 3.71 -3.27
CA SER A 141 43.05 3.53 -4.19
C SER A 141 43.57 2.09 -4.17
N SER A 142 42.67 1.12 -4.02
CA SER A 142 43.09 -0.25 -3.80
C SER A 142 41.98 -1.20 -4.25
N LYS A 143 42.34 -2.47 -4.39
CA LYS A 143 41.38 -3.52 -4.67
C LYS A 143 40.80 -4.05 -3.37
N ASN A 144 39.49 -4.28 -3.37
CA ASN A 144 38.78 -4.80 -2.22
C ASN A 144 38.10 -6.12 -2.59
N THR A 145 37.87 -6.95 -1.58
CA THR A 145 37.10 -8.18 -1.74
C THR A 145 35.96 -8.19 -0.74
N CYS A 146 34.77 -8.52 -1.22
CA CYS A 146 33.56 -8.56 -0.41
C CYS A 146 32.81 -9.85 -0.71
N GLU A 147 32.05 -10.33 0.28
CA GLU A 147 31.26 -11.54 0.15
C GLU A 147 29.80 -11.24 0.48
N HIS A 148 28.91 -11.55 -0.46
CA HIS A 148 27.47 -11.40 -0.29
C HIS A 148 26.82 -12.78 -0.22
N ILE A 149 25.87 -12.93 0.69
CA ILE A 149 25.13 -14.18 0.86
C ILE A 149 23.72 -13.96 0.34
N TYR A 150 23.37 -14.69 -0.72
CA TYR A 150 22.05 -14.61 -1.34
C TYR A 150 21.18 -15.70 -0.76
N ASP A 151 20.19 -15.32 0.04
CA ASP A 151 19.14 -16.24 0.48
C ASP A 151 18.00 -16.19 -0.53
N PHE A 152 17.82 -17.29 -1.27
CA PHE A 152 16.85 -17.30 -2.36
C PHE A 152 15.42 -17.36 -1.82
N PRO A 153 14.47 -16.69 -2.47
CA PRO A 153 13.08 -16.84 -2.08
C PRO A 153 12.56 -18.19 -2.50
N PRO A 154 11.66 -18.80 -1.71
CA PRO A 154 11.01 -20.03 -2.15
C PRO A 154 10.01 -19.75 -3.27
N LEU A 155 10.35 -20.17 -4.49
CA LEU A 155 9.54 -19.88 -5.67
C LEU A 155 8.49 -20.97 -5.86
N SER A 156 7.25 -20.55 -6.10
CA SER A 156 6.18 -21.50 -6.34
C SER A 156 6.44 -22.29 -7.62
N GLU A 157 5.90 -23.52 -7.66
CA GLU A 157 6.16 -24.40 -8.80
C GLU A 157 5.70 -23.77 -10.11
N GLU A 158 4.54 -23.12 -10.12
CA GLU A 158 4.07 -22.49 -11.35
C GLU A 158 5.00 -21.37 -11.80
N LEU A 159 5.58 -20.63 -10.84
CA LEU A 159 6.54 -19.59 -11.20
C LEU A 159 7.85 -20.20 -11.71
N ILE A 160 8.26 -21.35 -11.14
CA ILE A 160 9.43 -22.05 -11.64
C ILE A 160 9.21 -22.50 -13.08
N SER A 161 8.02 -23.05 -13.37
CA SER A 161 7.73 -23.53 -14.71
C SER A 161 7.81 -22.40 -15.73
N GLU A 162 7.26 -21.23 -15.37
CA GLU A 162 7.17 -20.12 -16.32
C GLU A 162 8.51 -19.44 -16.56
N MET A 163 9.37 -19.38 -15.54
CA MET A 163 10.70 -18.79 -15.74
C MET A 163 11.59 -19.70 -16.58
N ILE A 164 11.46 -21.01 -16.44
CA ILE A 164 12.15 -21.94 -17.32
C ILE A 164 11.58 -21.84 -18.73
N ARG A 165 10.27 -21.65 -18.85
CA ARG A 165 9.57 -21.67 -20.14
C ARG A 165 9.83 -20.41 -20.97
N HIS A 166 10.04 -19.26 -20.32
CA HIS A 166 10.24 -17.98 -21.00
C HIS A 166 11.59 -17.42 -20.60
N PRO A 167 12.66 -17.81 -21.27
CA PRO A 167 13.98 -17.27 -20.95
C PRO A 167 14.07 -15.78 -21.23
N TYR A 168 14.95 -15.11 -20.49
CA TYR A 168 15.33 -13.70 -20.63
C TYR A 168 14.22 -12.74 -20.21
N GLU A 169 13.09 -13.24 -19.73
CA GLU A 169 12.06 -12.38 -19.15
C GLU A 169 12.19 -12.23 -17.64
N THR A 170 13.17 -12.88 -17.03
CA THR A 170 13.59 -12.55 -15.67
C THR A 170 14.69 -11.50 -15.77
N GLN A 171 14.46 -10.35 -15.14
CA GLN A 171 15.35 -9.20 -15.26
C GLN A 171 15.71 -8.70 -13.87
N SER A 172 16.80 -7.93 -13.79
CA SER A 172 17.27 -7.42 -12.52
C SER A 172 17.78 -6.00 -12.68
N ASP A 173 17.68 -5.23 -11.60
CA ASP A 173 18.31 -3.93 -11.45
C ASP A 173 19.25 -3.99 -10.26
N SER A 174 20.49 -3.54 -10.43
CA SER A 174 21.45 -3.42 -9.35
C SER A 174 21.75 -1.95 -9.13
N PHE A 175 21.34 -1.41 -7.98
CA PHE A 175 21.55 -0.02 -7.63
C PHE A 175 22.67 0.11 -6.60
N TYR A 176 23.64 0.97 -6.89
CA TYR A 176 24.80 1.18 -6.02
C TYR A 176 24.77 2.59 -5.44
N PHE A 177 24.85 2.70 -4.12
CA PHE A 177 24.79 3.97 -3.42
C PHE A 177 26.05 4.20 -2.60
N VAL A 178 26.52 5.44 -2.59
CA VAL A 178 27.54 5.91 -1.65
C VAL A 178 26.96 7.10 -0.92
N ASP A 179 26.88 7.00 0.41
CA ASP A 179 26.30 8.04 1.24
C ASP A 179 24.90 8.42 0.76
N ASP A 180 24.10 7.39 0.47
CA ASP A 180 22.69 7.53 0.09
C ASP A 180 22.51 8.31 -1.21
N ARG A 181 23.43 8.15 -2.15
CA ARG A 181 23.29 8.75 -3.47
C ARG A 181 23.59 7.71 -4.54
N LEU A 182 22.73 7.63 -5.55
CA LEU A 182 22.94 6.69 -6.65
C LEU A 182 24.21 7.06 -7.40
N VAL A 183 25.13 6.10 -7.51
CA VAL A 183 26.38 6.32 -8.24
C VAL A 183 26.64 5.29 -9.33
N MET A 184 25.96 4.14 -9.33
CA MET A 184 26.13 3.13 -10.37
C MET A 184 24.82 2.37 -10.52
N HIS A 185 24.51 1.97 -11.75
CA HIS A 185 23.29 1.22 -12.02
C HIS A 185 23.56 0.24 -13.15
N ASN A 186 23.32 -1.05 -12.89
CA ASN A 186 23.53 -2.10 -13.87
C ASN A 186 22.26 -2.90 -14.07
N LYS A 187 22.14 -3.54 -15.24
CA LYS A 187 20.97 -4.33 -15.59
C LYS A 187 21.39 -5.70 -16.08
N ALA A 188 20.47 -6.66 -15.97
CA ALA A 188 20.76 -8.01 -16.42
C ALA A 188 19.46 -8.73 -16.72
N ASP A 189 19.56 -9.76 -17.56
CA ASP A 189 18.46 -10.69 -17.78
C ASP A 189 19.01 -12.12 -17.68
N TYR A 190 18.10 -13.07 -17.47
CA TYR A 190 18.49 -14.39 -17.01
C TYR A 190 17.76 -15.47 -17.79
N SER A 191 18.48 -16.53 -18.10
CA SER A 191 17.92 -17.74 -18.69
C SER A 191 18.11 -18.91 -17.72
N TYR A 192 17.07 -19.72 -17.55
CA TYR A 192 17.13 -20.93 -16.73
C TYR A 192 16.79 -22.14 -17.57
N SER A 193 17.21 -22.12 -18.83
CA SER A 193 16.97 -23.21 -19.77
C SER A 193 18.22 -24.04 -20.05
N GLY A 194 19.35 -23.67 -19.46
CA GLY A 194 20.59 -24.35 -19.79
C GLY A 194 21.08 -23.92 -21.17
N THR A 195 22.06 -24.66 -21.65
CA THR A 195 22.61 -24.43 -22.98
C THR A 195 23.23 -25.70 -23.54
N PRO B 15 54.13 9.47 11.63
CA PRO B 15 54.21 9.55 13.10
C PRO B 15 52.92 10.04 13.73
N ILE B 16 52.09 9.11 14.18
CA ILE B 16 50.78 9.41 14.75
C ILE B 16 50.85 9.24 16.26
N GLY B 17 50.44 10.28 16.99
CA GLY B 17 50.41 10.23 18.43
C GLY B 17 49.00 10.25 18.97
N PRO B 18 48.85 9.99 20.27
CA PRO B 18 47.50 9.97 20.88
C PRO B 18 46.75 11.27 20.71
N GLU B 19 47.44 12.41 20.74
CA GLU B 19 46.76 13.69 20.56
C GLU B 19 46.18 13.82 19.16
N ASP B 20 46.73 13.11 18.18
CA ASP B 20 46.27 13.20 16.80
C ASP B 20 44.95 12.49 16.55
N VAL B 21 44.45 11.69 17.50
CA VAL B 21 43.15 11.06 17.37
C VAL B 21 42.17 11.47 18.45
N LEU B 22 42.63 12.01 19.59
CA LEU B 22 41.74 12.29 20.71
C LEU B 22 40.71 13.37 20.40
N GLY B 23 40.87 14.12 19.31
CA GLY B 23 39.91 15.15 18.96
C GLY B 23 39.27 14.93 17.59
N LEU B 24 39.55 13.79 16.97
CA LEU B 24 38.93 13.45 15.69
C LEU B 24 37.42 13.45 15.84
N GLN B 25 36.74 14.05 14.87
CA GLN B 25 35.28 14.19 14.91
C GLN B 25 34.56 13.38 13.85
N ARG B 26 35.28 12.53 13.10
CA ARG B 26 34.68 11.64 12.12
C ARG B 26 35.51 10.37 12.03
N ILE B 27 34.91 9.30 11.52
CA ILE B 27 35.67 8.10 11.21
C ILE B 27 36.77 8.47 10.20
N THR B 28 37.93 7.84 10.34
CA THR B 28 39.01 8.14 9.40
C THR B 28 38.73 7.53 8.04
N GLY B 29 39.26 8.16 7.00
CA GLY B 29 39.05 7.66 5.66
C GLY B 29 39.88 6.46 5.27
N ASP B 30 40.89 6.13 6.07
CA ASP B 30 41.72 4.96 5.81
C ASP B 30 42.37 4.57 7.13
N TYR B 31 43.05 3.42 7.12
CA TYR B 31 43.86 3.04 8.26
C TYR B 31 45.04 3.98 8.41
N LEU B 32 45.32 4.39 9.64
CA LEU B 32 46.41 5.32 9.91
C LEU B 32 47.77 4.64 10.08
N CYS B 33 47.81 3.32 10.03
CA CYS B 33 49.08 2.61 10.07
C CYS B 33 48.92 1.28 9.34
N SER B 34 50.03 0.75 8.86
CA SER B 34 50.04 -0.53 8.16
C SER B 34 50.08 -1.68 9.16
N PRO B 35 49.77 -2.90 8.70
CA PRO B 35 49.98 -4.07 9.57
C PRO B 35 51.42 -4.23 10.04
N GLU B 36 52.40 -3.87 9.21
CA GLU B 36 53.80 -4.10 9.56
C GLU B 36 54.24 -3.28 10.75
N GLU B 37 53.63 -2.13 10.99
CA GLU B 37 54.06 -1.26 12.08
C GLU B 37 53.82 -1.87 13.45
N ASN B 38 53.06 -2.96 13.53
CA ASN B 38 52.89 -3.73 14.76
C ASN B 38 54.14 -4.60 14.99
N ILE B 39 55.25 -3.92 15.27
CA ILE B 39 56.50 -4.63 15.50
C ILE B 39 56.48 -5.43 16.79
N TYR B 40 55.61 -5.08 17.73
CA TYR B 40 55.52 -5.79 19.00
C TYR B 40 54.72 -7.08 18.92
N LYS B 41 54.20 -7.42 17.74
CA LYS B 41 53.52 -8.69 17.49
C LYS B 41 52.33 -8.89 18.42
N ILE B 42 51.57 -7.83 18.65
CA ILE B 42 50.39 -7.90 19.51
C ILE B 42 49.26 -8.52 18.71
N ASP B 43 48.65 -9.57 19.27
CA ASP B 43 47.58 -10.29 18.60
C ASP B 43 46.50 -10.63 19.63
N PHE B 44 45.27 -10.25 19.33
CA PHE B 44 44.13 -10.52 20.21
C PHE B 44 43.53 -11.88 19.87
N VAL B 45 43.30 -12.69 20.90
CA VAL B 45 42.82 -14.05 20.72
C VAL B 45 41.48 -14.31 21.42
N ARG B 46 41.00 -13.40 22.26
CA ARG B 46 39.68 -13.55 22.86
C ARG B 46 39.08 -12.19 23.15
N PHE B 47 37.78 -12.07 22.94
CA PHE B 47 37.05 -10.84 23.22
C PHE B 47 35.66 -11.21 23.72
N LYS B 48 35.38 -10.90 24.98
CA LYS B 48 34.10 -11.19 25.62
C LYS B 48 33.55 -9.90 26.20
N ILE B 49 32.28 -9.62 25.93
CA ILE B 49 31.59 -8.47 26.49
C ILE B 49 30.42 -8.98 27.32
N ARG B 50 30.24 -8.40 28.50
CA ARG B 50 29.20 -8.82 29.42
C ARG B 50 28.39 -7.63 29.89
N ASP B 51 27.07 -7.80 29.97
CA ASP B 51 26.22 -6.79 30.58
C ASP B 51 26.27 -6.95 32.09
N MET B 52 26.68 -5.89 32.79
CA MET B 52 26.83 -5.96 34.24
C MET B 52 25.49 -6.01 34.97
N ASP B 53 24.41 -5.58 34.32
CA ASP B 53 23.09 -5.57 34.96
C ASP B 53 22.35 -6.90 34.86
N SER B 54 22.82 -7.83 34.03
CA SER B 54 22.18 -9.14 33.91
C SER B 54 23.14 -10.32 33.95
N GLY B 55 24.43 -10.11 33.70
CA GLY B 55 25.35 -11.23 33.61
C GLY B 55 25.30 -11.96 32.29
N THR B 56 24.53 -11.46 31.32
CA THR B 56 24.43 -12.08 30.00
C THR B 56 25.68 -11.78 29.18
N VAL B 57 26.14 -12.78 28.44
CA VAL B 57 27.26 -12.62 27.51
C VAL B 57 26.70 -12.10 26.19
N LEU B 58 27.06 -10.87 25.83
CA LEU B 58 26.52 -10.25 24.63
C LEU B 58 27.26 -10.70 23.37
N PHE B 59 28.57 -10.98 23.49
CA PHE B 59 29.37 -11.39 22.35
C PHE B 59 30.70 -11.97 22.81
N GLU B 60 31.07 -13.13 22.28
CA GLU B 60 32.37 -13.71 22.56
C GLU B 60 32.98 -14.22 21.26
N ILE B 61 34.28 -13.98 21.08
CA ILE B 61 35.02 -14.53 19.96
C ILE B 61 36.34 -15.08 20.49
N LYS B 62 36.66 -16.31 20.10
CA LYS B 62 37.93 -16.95 20.46
C LYS B 62 38.63 -17.37 19.17
N LYS B 63 39.92 -17.08 19.08
CA LYS B 63 40.70 -17.57 17.95
C LYS B 63 41.09 -19.03 18.19
N PRO B 64 40.64 -19.96 17.36
CA PRO B 64 41.06 -21.35 17.50
C PRO B 64 42.44 -21.54 16.91
N PRO B 65 43.07 -22.71 17.12
CA PRO B 65 44.34 -22.97 16.41
C PRO B 65 44.18 -22.93 14.90
N VAL B 66 43.02 -23.32 14.39
CA VAL B 66 42.67 -23.18 12.98
C VAL B 66 41.40 -22.34 12.90
N SER B 67 41.41 -21.35 12.01
CA SER B 67 40.23 -20.51 11.83
C SER B 67 39.01 -21.35 11.45
N GLU B 68 37.89 -21.08 12.11
CA GLU B 68 36.67 -21.84 11.85
C GLU B 68 36.00 -21.46 10.54
N ARG B 69 36.26 -20.25 10.04
CA ARG B 69 35.79 -19.83 8.72
C ARG B 69 37.00 -19.65 7.83
N LEU B 70 37.21 -20.59 6.91
CA LEU B 70 38.32 -20.53 5.98
C LEU B 70 37.82 -20.26 4.57
N PRO B 71 38.53 -19.47 3.78
CA PRO B 71 38.16 -19.30 2.37
C PRO B 71 38.27 -20.63 1.63
N ILE B 72 37.13 -21.15 1.16
CA ILE B 72 37.15 -22.46 0.51
C ILE B 72 37.81 -22.37 -0.86
N ASN B 73 37.40 -21.40 -1.67
CA ASN B 73 37.90 -21.25 -3.02
C ASN B 73 39.01 -20.21 -3.08
N ARG B 74 39.76 -20.24 -4.19
CA ARG B 74 40.88 -19.34 -4.33
C ARG B 74 40.41 -17.89 -4.46
N ARG B 75 41.14 -17.00 -3.81
CA ARG B 75 40.92 -15.55 -3.83
C ARG B 75 39.64 -15.14 -3.11
N ASP B 76 39.02 -16.07 -2.36
CA ASP B 76 37.87 -15.72 -1.55
C ASP B 76 38.29 -14.89 -0.35
N LEU B 77 37.31 -14.32 0.34
CA LEU B 77 37.58 -13.49 1.50
C LEU B 77 37.78 -14.35 2.75
N ASP B 78 38.66 -13.88 3.64
CA ASP B 78 38.94 -14.57 4.89
C ASP B 78 38.07 -14.03 6.02
N GLY B 82 41.91 -8.69 8.57
CA GLY B 82 41.18 -8.83 9.81
C GLY B 82 41.06 -7.55 10.60
N ARG B 83 41.33 -6.42 9.95
CA ARG B 83 41.26 -5.11 10.58
C ARG B 83 39.85 -4.49 10.54
N PHE B 84 38.91 -5.13 9.84
CA PHE B 84 37.52 -4.72 9.84
C PHE B 84 36.65 -5.87 10.35
N VAL B 85 35.78 -5.57 11.31
CA VAL B 85 34.87 -6.55 11.87
C VAL B 85 33.48 -5.94 11.94
N ARG B 86 32.46 -6.73 11.68
CA ARG B 86 31.08 -6.28 11.66
C ARG B 86 30.32 -6.91 12.83
N TYR B 87 29.57 -6.09 13.57
CA TYR B 87 28.87 -6.55 14.76
C TYR B 87 27.36 -6.48 14.55
N GLN B 88 26.67 -7.58 14.83
CA GLN B 88 25.21 -7.63 14.84
C GLN B 88 24.74 -7.66 16.29
N PHE B 89 24.07 -6.60 16.73
CA PHE B 89 23.60 -6.47 18.10
C PHE B 89 22.09 -6.33 18.13
N THR B 90 21.52 -6.39 19.33
CA THR B 90 20.10 -6.20 19.56
C THR B 90 19.78 -4.75 19.85
N PRO B 91 18.53 -4.33 19.72
CA PRO B 91 18.16 -2.95 20.09
C PRO B 91 18.42 -2.63 21.55
N ALA B 92 18.37 -3.63 22.44
CA ALA B 92 18.56 -3.39 23.86
C ALA B 92 20.00 -3.01 24.21
N PHE B 93 20.95 -3.25 23.30
CA PHE B 93 22.32 -2.77 23.50
C PHE B 93 22.34 -1.27 23.76
N LEU B 94 21.51 -0.52 23.03
CA LEU B 94 21.55 0.94 23.08
C LEU B 94 21.00 1.52 24.37
N ARG B 95 20.40 0.72 25.24
CA ARG B 95 19.92 1.19 26.54
C ARG B 95 20.72 0.61 27.70
N LEU B 96 21.84 -0.03 27.42
CA LEU B 96 22.65 -0.63 28.48
C LEU B 96 23.43 0.44 29.23
N ARG B 97 23.67 0.18 30.51
CA ARG B 97 24.38 1.12 31.38
C ARG B 97 25.88 0.87 31.40
N GLN B 98 26.30 -0.36 31.67
CA GLN B 98 27.72 -0.67 31.83
C GLN B 98 28.00 -2.05 31.27
N VAL B 99 29.08 -2.14 30.48
CA VAL B 99 29.49 -3.38 29.84
C VAL B 99 30.92 -3.70 30.25
N GLY B 100 31.13 -4.93 30.73
CA GLY B 100 32.45 -5.40 31.08
C GLY B 100 33.05 -6.22 29.95
N ALA B 101 34.22 -5.81 29.49
CA ALA B 101 34.91 -6.49 28.41
C ALA B 101 36.10 -7.29 28.95
N THR B 102 36.26 -8.51 28.46
CA THR B 102 37.43 -9.33 28.75
C THR B 102 38.21 -9.53 27.45
N VAL B 103 39.50 -9.21 27.48
CA VAL B 103 40.34 -9.23 26.29
C VAL B 103 41.61 -9.99 26.63
N GLU B 104 41.98 -10.94 25.77
CA GLU B 104 43.20 -11.72 25.90
C GLU B 104 44.05 -11.51 24.65
N PHE B 105 45.33 -11.25 24.86
CA PHE B 105 46.22 -10.97 23.74
C PHE B 105 47.61 -11.52 24.02
N THR B 106 48.27 -11.98 22.96
CA THR B 106 49.64 -12.46 23.03
C THR B 106 50.61 -11.36 22.61
N VAL B 107 51.86 -11.50 23.05
CA VAL B 107 52.89 -10.48 22.88
C VAL B 107 54.17 -11.17 22.40
N GLY B 108 54.92 -10.48 21.54
CA GLY B 108 56.21 -10.97 21.10
C GLY B 108 57.29 -10.80 22.16
N ASP B 109 58.54 -10.98 21.73
CA ASP B 109 59.65 -10.95 22.66
C ASP B 109 60.13 -9.54 22.96
N LYS B 110 59.79 -8.56 22.14
CA LYS B 110 60.14 -7.18 22.45
C LYS B 110 59.24 -6.68 23.58
N PRO B 111 59.79 -6.04 24.61
CA PRO B 111 58.95 -5.54 25.70
C PRO B 111 57.98 -4.47 25.23
N VAL B 112 56.81 -4.45 25.85
CA VAL B 112 55.73 -3.53 25.52
C VAL B 112 55.47 -2.65 26.72
N ASN B 113 55.65 -1.33 26.56
CA ASN B 113 55.48 -0.37 27.63
C ASN B 113 54.47 0.69 27.22
N ASN B 114 53.52 0.99 28.12
CA ASN B 114 52.49 2.01 27.91
C ASN B 114 51.53 1.62 26.78
N PHE B 115 50.95 0.44 26.90
CA PHE B 115 49.97 -0.01 25.91
C PHE B 115 48.65 0.71 26.19
N ARG B 116 48.12 1.39 25.17
CA ARG B 116 46.97 2.27 25.33
C ARG B 116 46.06 2.12 24.12
N MET B 117 44.76 2.02 24.37
CA MET B 117 43.75 1.93 23.32
C MET B 117 42.81 3.12 23.41
N ILE B 118 42.64 3.82 22.30
CA ILE B 118 41.69 4.91 22.18
C ILE B 118 40.67 4.51 21.11
N GLU B 119 39.44 4.28 21.55
CA GLU B 119 38.38 3.72 20.72
C GLU B 119 37.24 4.72 20.63
N ARG B 120 36.95 5.18 19.41
CA ARG B 120 36.00 6.26 19.18
C ARG B 120 34.82 5.73 18.37
N HIS B 121 33.61 6.00 18.84
CA HIS B 121 32.38 5.51 18.21
C HIS B 121 31.60 6.68 17.61
N TYR B 122 31.22 6.54 16.33
CA TYR B 122 30.49 7.57 15.62
C TYR B 122 29.22 7.00 15.01
N PHE B 123 28.12 7.75 15.10
CA PHE B 123 26.96 7.49 14.27
C PHE B 123 26.90 8.55 13.18
N ARG B 124 27.12 8.14 11.93
CA ARG B 124 26.95 9.00 10.77
C ARG B 124 27.73 10.30 10.93
N ASN B 125 29.03 10.15 11.21
CA ASN B 125 29.98 11.26 11.38
C ASN B 125 29.69 12.12 12.61
N GLN B 126 28.99 11.57 13.60
CA GLN B 126 28.71 12.29 14.84
C GLN B 126 29.26 11.47 15.99
N LEU B 127 30.18 12.06 16.77
CA LEU B 127 30.86 11.31 17.82
C LEU B 127 29.88 10.98 18.95
N LEU B 128 29.82 9.70 19.31
CA LEU B 128 29.01 9.25 20.44
C LEU B 128 29.82 9.22 21.74
N LYS B 129 30.97 8.55 21.71
CA LYS B 129 31.79 8.35 22.90
C LYS B 129 33.18 7.94 22.46
N SER B 130 34.18 8.37 23.23
CA SER B 130 35.54 7.91 23.06
C SER B 130 36.01 7.24 24.34
N PHE B 131 36.67 6.10 24.20
CA PHE B 131 37.14 5.30 25.33
C PHE B 131 38.66 5.27 25.33
N ASP B 132 39.26 5.52 26.50
CA ASP B 132 40.71 5.54 26.67
C ASP B 132 41.09 4.56 27.78
N PHE B 133 41.60 3.40 27.39
CA PHE B 133 41.99 2.36 28.33
C PHE B 133 43.51 2.20 28.32
N HIS B 134 44.11 2.23 29.50
CA HIS B 134 45.52 1.94 29.68
C HIS B 134 45.68 0.50 30.15
N PHE B 135 46.40 -0.30 29.39
CA PHE B 135 46.63 -1.69 29.76
C PHE B 135 47.58 -1.77 30.95
N GLY B 136 47.45 -2.85 31.71
CA GLY B 136 48.41 -3.14 32.76
C GLY B 136 49.75 -3.52 32.18
N PHE B 137 50.65 -3.96 33.07
CA PHE B 137 51.94 -4.42 32.60
C PHE B 137 51.77 -5.63 31.71
N CYS B 138 52.50 -5.63 30.59
CA CYS B 138 52.38 -6.65 29.56
C CYS B 138 53.56 -7.60 29.65
N ILE B 139 53.27 -8.87 29.90
CA ILE B 139 54.32 -9.88 30.04
C ILE B 139 54.69 -10.37 28.64
N PRO B 140 55.91 -10.13 28.19
CA PRO B 140 56.29 -10.50 26.82
C PRO B 140 56.31 -12.01 26.61
N SER B 141 56.09 -12.41 25.36
CA SER B 141 56.16 -13.81 24.94
C SER B 141 55.19 -14.68 25.74
N SER B 142 53.98 -14.18 25.97
CA SER B 142 52.97 -14.90 26.71
C SER B 142 51.61 -14.29 26.43
N LYS B 143 50.57 -14.97 26.91
CA LYS B 143 49.19 -14.52 26.77
C LYS B 143 48.83 -13.61 27.95
N ASN B 144 48.30 -12.43 27.64
CA ASN B 144 47.90 -11.45 28.65
C ASN B 144 46.38 -11.31 28.67
N THR B 145 45.85 -10.91 29.82
CA THR B 145 44.41 -10.73 30.00
C THR B 145 44.15 -9.37 30.64
N CYS B 146 43.12 -8.69 30.17
CA CYS B 146 42.81 -7.34 30.63
C CYS B 146 41.30 -7.15 30.68
N GLU B 147 40.83 -6.43 31.69
CA GLU B 147 39.40 -6.15 31.87
C GLU B 147 39.16 -4.66 31.65
N HIS B 148 38.35 -4.33 30.64
CA HIS B 148 37.94 -2.96 30.37
C HIS B 148 36.49 -2.77 30.76
N ILE B 149 36.19 -1.68 31.46
CA ILE B 149 34.84 -1.33 31.83
C ILE B 149 34.33 -0.25 30.89
N TYR B 150 33.24 -0.54 30.18
CA TYR B 150 32.60 0.42 29.31
C TYR B 150 31.42 1.04 30.06
N ASP B 151 31.45 2.35 30.25
CA ASP B 151 30.33 3.09 30.82
C ASP B 151 29.60 3.79 29.69
N PHE B 152 28.40 3.32 29.37
CA PHE B 152 27.62 3.90 28.28
C PHE B 152 26.99 5.21 28.73
N PRO B 153 27.15 6.30 27.97
CA PRO B 153 26.37 7.49 28.26
C PRO B 153 24.92 7.27 27.93
N PRO B 154 24.01 7.92 28.64
CA PRO B 154 22.58 7.81 28.31
C PRO B 154 22.29 8.40 26.93
N LEU B 155 21.73 7.58 26.05
CA LEU B 155 21.51 7.95 24.66
C LEU B 155 20.08 8.47 24.47
N SER B 156 19.95 9.44 23.57
CA SER B 156 18.64 10.03 23.31
C SER B 156 17.76 9.07 22.53
N GLU B 157 16.44 9.24 22.70
CA GLU B 157 15.49 8.41 21.98
C GLU B 157 15.60 8.63 20.47
N GLU B 158 15.83 9.86 20.03
CA GLU B 158 16.02 10.13 18.61
C GLU B 158 17.24 9.41 18.07
N LEU B 159 18.34 9.40 18.84
CA LEU B 159 19.53 8.66 18.43
C LEU B 159 19.25 7.17 18.34
N ILE B 160 18.55 6.62 19.33
CA ILE B 160 18.32 5.18 19.40
C ILE B 160 17.43 4.73 18.24
N SER B 161 16.39 5.50 17.92
CA SER B 161 15.56 5.18 16.76
C SER B 161 16.40 5.15 15.49
N GLU B 162 17.26 6.16 15.31
CA GLU B 162 18.01 6.26 14.06
C GLU B 162 19.14 5.24 13.97
N MET B 163 19.74 4.89 15.12
CA MET B 163 20.78 3.87 15.08
C MET B 163 20.21 2.49 14.76
N ILE B 164 18.98 2.22 15.18
CA ILE B 164 18.32 0.96 14.82
C ILE B 164 17.96 0.96 13.34
N ARG B 165 17.38 2.06 12.84
CA ARG B 165 16.88 2.08 11.46
C ARG B 165 18.00 1.99 10.44
N HIS B 166 19.20 2.45 10.79
CA HIS B 166 20.30 2.61 9.84
C HIS B 166 21.48 1.77 10.29
N PRO B 167 21.38 0.45 10.18
CA PRO B 167 22.48 -0.42 10.61
C PRO B 167 23.73 -0.19 9.78
N TYR B 168 24.87 -0.38 10.42
CA TYR B 168 26.21 -0.25 9.84
C TYR B 168 26.61 1.20 9.56
N GLU B 169 25.80 2.17 9.94
CA GLU B 169 26.20 3.57 9.91
C GLU B 169 26.77 4.03 11.25
N THR B 170 26.76 3.14 12.25
CA THR B 170 27.54 3.32 13.47
C THR B 170 28.89 2.64 13.23
N GLN B 171 29.97 3.42 13.31
CA GLN B 171 31.29 2.92 12.97
C GLN B 171 32.29 3.35 14.04
N SER B 172 33.31 2.53 14.24
CA SER B 172 34.29 2.78 15.30
C SER B 172 35.71 2.68 14.75
N ASP B 173 36.59 3.49 15.32
CA ASP B 173 38.03 3.41 15.12
C ASP B 173 38.69 3.01 16.44
N SER B 174 39.54 1.98 16.39
CA SER B 174 40.30 1.54 17.56
C SER B 174 41.78 1.81 17.28
N PHE B 175 42.36 2.71 18.05
CA PHE B 175 43.76 3.07 17.92
C PHE B 175 44.54 2.48 19.09
N TYR B 176 45.65 1.80 18.78
CA TYR B 176 46.48 1.15 19.77
C TYR B 176 47.85 1.80 19.75
N PHE B 177 48.32 2.23 20.92
CA PHE B 177 49.57 2.97 21.05
C PHE B 177 50.52 2.23 21.98
N VAL B 178 51.80 2.22 21.60
CA VAL B 178 52.87 1.73 22.46
C VAL B 178 53.92 2.83 22.54
N ASP B 179 54.19 3.31 23.75
CA ASP B 179 55.12 4.42 23.98
C ASP B 179 54.73 5.64 23.16
N ASP B 180 53.43 5.93 23.10
CA ASP B 180 52.89 7.11 22.41
C ASP B 180 53.07 7.02 20.89
N ARG B 181 53.16 5.81 20.34
CA ARG B 181 53.31 5.59 18.92
C ARG B 181 52.24 4.62 18.44
N LEU B 182 51.51 4.99 17.39
CA LEU B 182 50.45 4.13 16.88
C LEU B 182 51.05 2.87 16.26
N VAL B 183 50.53 1.71 16.67
CA VAL B 183 51.09 0.44 16.25
C VAL B 183 50.02 -0.46 15.62
N MET B 184 48.76 -0.24 15.99
CA MET B 184 47.63 -1.00 15.45
C MET B 184 46.43 -0.09 15.29
N HIS B 185 45.68 -0.31 14.22
CA HIS B 185 44.46 0.44 13.94
C HIS B 185 43.44 -0.50 13.33
N ASN B 186 42.30 -0.67 14.01
CA ASN B 186 41.21 -1.50 13.53
C ASN B 186 39.95 -0.66 13.39
N LYS B 187 39.07 -1.08 12.48
CA LYS B 187 37.79 -0.44 12.25
C LYS B 187 36.66 -1.46 12.42
N ALA B 188 35.46 -0.95 12.67
CA ALA B 188 34.30 -1.81 12.81
C ALA B 188 33.04 -0.99 12.52
N ASP B 189 31.98 -1.68 12.07
CA ASP B 189 30.65 -1.09 12.03
C ASP B 189 29.66 -2.02 12.72
N TYR B 190 28.52 -1.46 13.09
CA TYR B 190 27.61 -2.12 14.03
C TYR B 190 26.18 -2.07 13.50
N SER B 191 25.44 -3.12 13.82
CA SER B 191 24.01 -3.17 13.59
C SER B 191 23.30 -3.39 14.92
N TYR B 192 22.15 -2.76 15.07
CA TYR B 192 21.32 -2.97 16.25
C TYR B 192 19.93 -3.46 15.87
N SER B 193 19.82 -4.12 14.71
CA SER B 193 18.56 -4.55 14.12
C SER B 193 18.21 -5.98 14.47
N GLY B 194 18.84 -6.54 15.51
CA GLY B 194 18.63 -7.94 15.81
C GLY B 194 19.49 -8.84 14.93
N THR B 195 18.96 -10.01 14.61
CA THR B 195 19.64 -11.02 13.78
C THR B 195 21.09 -11.26 14.18
N PRO C 15 -24.44 -17.00 21.05
CA PRO C 15 -23.30 -16.97 20.13
C PRO C 15 -22.66 -15.59 20.03
N ILE C 16 -21.45 -15.53 19.49
CA ILE C 16 -20.72 -14.29 19.27
C ILE C 16 -20.81 -13.94 17.80
N GLY C 17 -21.13 -12.68 17.50
CA GLY C 17 -21.18 -12.20 16.14
C GLY C 17 -20.07 -11.22 15.83
N PRO C 18 -19.91 -10.86 14.55
CA PRO C 18 -18.88 -9.88 14.20
C PRO C 18 -19.06 -8.54 14.90
N GLU C 19 -20.30 -8.10 15.07
CA GLU C 19 -20.55 -6.83 15.76
C GLU C 19 -20.21 -6.89 17.24
N ASP C 20 -20.03 -8.09 17.80
CA ASP C 20 -19.62 -8.24 19.18
C ASP C 20 -18.11 -8.09 19.36
N VAL C 21 -17.34 -8.13 18.29
CA VAL C 21 -15.90 -7.91 18.36
C VAL C 21 -15.45 -6.69 17.56
N LEU C 22 -16.28 -6.14 16.68
CA LEU C 22 -15.85 -5.08 15.78
C LEU C 22 -15.48 -3.80 16.52
N GLY C 23 -15.91 -3.65 17.77
CA GLY C 23 -15.63 -2.43 18.50
C GLY C 23 -14.79 -2.64 19.74
N LEU C 24 -14.31 -3.87 19.95
CA LEU C 24 -13.49 -4.15 21.12
C LEU C 24 -12.22 -3.31 21.10
N GLN C 25 -11.94 -2.65 22.22
CA GLN C 25 -10.80 -1.75 22.31
C GLN C 25 -9.63 -2.34 23.10
N ARG C 26 -9.81 -3.50 23.71
CA ARG C 26 -8.73 -4.18 24.42
C ARG C 26 -8.68 -5.64 23.98
N ILE C 27 -7.52 -6.26 24.18
CA ILE C 27 -7.41 -7.69 23.96
C ILE C 27 -8.34 -8.41 24.93
N THR C 28 -9.04 -9.44 24.45
CA THR C 28 -9.98 -10.15 25.31
C THR C 28 -9.22 -10.91 26.40
N GLY C 29 -9.85 -11.01 27.57
CA GLY C 29 -9.23 -11.69 28.68
C GLY C 29 -9.30 -13.20 28.63
N ASP C 30 -10.09 -13.76 27.72
CA ASP C 30 -10.24 -15.19 27.59
C ASP C 30 -10.66 -15.49 26.16
N TYR C 31 -10.56 -16.76 25.78
CA TYR C 31 -11.09 -17.21 24.50
C TYR C 31 -12.61 -17.11 24.51
N LEU C 32 -13.17 -16.55 23.44
CA LEU C 32 -14.60 -16.35 23.31
C LEU C 32 -15.32 -17.57 22.73
N CYS C 33 -14.59 -18.66 22.50
CA CYS C 33 -15.20 -19.91 22.05
C CYS C 33 -14.22 -21.05 22.25
N SER C 34 -14.76 -22.24 22.43
CA SER C 34 -13.98 -23.45 22.62
C SER C 34 -13.63 -24.07 21.27
N PRO C 35 -12.59 -24.92 21.22
CA PRO C 35 -12.31 -25.65 19.97
C PRO C 35 -13.42 -26.60 19.55
N GLU C 36 -14.33 -26.95 20.47
CA GLU C 36 -15.45 -27.81 20.13
C GLU C 36 -16.41 -27.16 19.16
N GLU C 37 -16.53 -25.82 19.21
CA GLU C 37 -17.47 -25.11 18.36
C GLU C 37 -17.05 -25.09 16.89
N ASN C 38 -15.84 -25.54 16.59
CA ASN C 38 -15.36 -25.62 15.22
C ASN C 38 -16.08 -26.76 14.49
N ILE C 39 -17.39 -26.58 14.26
CA ILE C 39 -18.21 -27.65 13.70
C ILE C 39 -17.87 -27.92 12.24
N TYR C 40 -17.30 -26.95 11.53
CA TYR C 40 -16.94 -27.13 10.12
C TYR C 40 -15.57 -27.77 9.94
N LYS C 41 -14.82 -27.98 11.02
CA LYS C 41 -13.50 -28.61 11.00
C LYS C 41 -12.53 -27.84 10.10
N ILE C 42 -12.33 -26.57 10.46
CA ILE C 42 -11.38 -25.71 9.75
C ILE C 42 -10.01 -25.94 10.36
N ASP C 43 -9.06 -26.37 9.52
CA ASP C 43 -7.71 -26.72 9.96
C ASP C 43 -6.71 -26.00 9.07
N PHE C 44 -6.06 -24.98 9.60
CA PHE C 44 -5.03 -24.27 8.87
C PHE C 44 -3.75 -25.11 8.84
N VAL C 45 -3.21 -25.32 7.65
CA VAL C 45 -2.04 -26.18 7.47
C VAL C 45 -0.82 -25.42 6.99
N ARG C 46 -0.94 -24.15 6.61
CA ARG C 46 0.22 -23.35 6.23
C ARG C 46 -0.08 -21.88 6.47
N PHE C 47 0.93 -21.14 6.91
CA PHE C 47 0.83 -19.69 7.12
C PHE C 47 2.14 -19.04 6.70
N LYS C 48 2.05 -18.06 5.79
CA LYS C 48 3.24 -17.43 5.21
C LYS C 48 3.09 -15.91 5.25
N ILE C 49 4.20 -15.23 5.53
CA ILE C 49 4.23 -13.77 5.65
C ILE C 49 5.34 -13.24 4.74
N ARG C 50 4.97 -12.43 3.75
CA ARG C 50 5.91 -11.82 2.82
C ARG C 50 5.90 -10.30 2.95
N ASP C 51 7.07 -9.69 2.86
CA ASP C 51 7.17 -8.24 2.69
C ASP C 51 7.00 -7.92 1.21
N MET C 52 5.92 -7.22 0.87
CA MET C 52 5.57 -7.02 -0.53
C MET C 52 6.53 -6.09 -1.27
N ASP C 53 7.39 -5.37 -0.56
CA ASP C 53 8.38 -4.51 -1.22
C ASP C 53 9.74 -5.17 -1.39
N SER C 54 9.94 -6.38 -0.85
CA SER C 54 11.21 -7.07 -0.95
C SER C 54 11.11 -8.54 -1.31
N GLY C 55 9.97 -9.18 -1.09
CA GLY C 55 9.84 -10.61 -1.31
C GLY C 55 10.40 -11.47 -0.20
N THR C 56 10.92 -10.86 0.87
CA THR C 56 11.45 -11.62 1.99
C THR C 56 10.32 -12.33 2.73
N VAL C 57 10.54 -13.60 3.05
CA VAL C 57 9.59 -14.36 3.86
C VAL C 57 9.85 -14.02 5.32
N LEU C 58 8.96 -13.23 5.92
CA LEU C 58 9.12 -12.84 7.31
C LEU C 58 8.86 -14.00 8.27
N PHE C 59 8.05 -14.97 7.86
CA PHE C 59 7.65 -16.10 8.70
C PHE C 59 6.89 -17.09 7.84
N GLU C 60 7.09 -18.39 8.10
CA GLU C 60 6.31 -19.42 7.43
C GLU C 60 6.31 -20.68 8.29
N ILE C 61 5.19 -21.40 8.26
CA ILE C 61 5.05 -22.67 8.98
C ILE C 61 4.09 -23.56 8.21
N LYS C 62 4.43 -24.85 8.14
CA LYS C 62 3.59 -25.87 7.50
C LYS C 62 3.22 -26.92 8.54
N LYS C 63 1.94 -27.31 8.57
CA LYS C 63 1.42 -28.24 9.55
C LYS C 63 1.32 -29.64 8.96
N PRO C 64 1.75 -30.67 9.71
CA PRO C 64 1.71 -32.09 9.33
C PRO C 64 0.44 -32.51 8.58
N PRO C 79 -3.01 -25.73 28.10
CA PRO C 79 -4.44 -25.83 27.79
C PRO C 79 -4.90 -24.83 26.73
N ASN C 80 -3.93 -24.16 26.09
CA ASN C 80 -4.26 -23.25 24.99
C ASN C 80 -4.65 -23.99 23.72
N ALA C 81 -4.41 -25.30 23.65
CA ALA C 81 -4.81 -26.13 22.51
C ALA C 81 -4.22 -25.61 21.20
N GLY C 82 -2.97 -25.15 21.25
CA GLY C 82 -2.29 -24.68 20.06
C GLY C 82 -2.88 -23.43 19.45
N ARG C 83 -3.76 -22.72 20.16
CA ARG C 83 -4.37 -21.50 19.65
C ARG C 83 -3.54 -20.26 19.94
N PHE C 84 -2.49 -20.37 20.76
CA PHE C 84 -1.61 -19.26 21.06
C PHE C 84 -0.27 -19.47 20.37
N VAL C 85 0.24 -18.41 19.73
CA VAL C 85 1.51 -18.47 19.01
C VAL C 85 2.29 -17.20 19.31
N ARG C 86 3.59 -17.35 19.52
CA ARG C 86 4.48 -16.24 19.83
C ARG C 86 5.38 -15.97 18.65
N TYR C 87 5.44 -14.71 18.22
CA TYR C 87 6.20 -14.31 17.04
C TYR C 87 7.40 -13.46 17.42
N GLN C 88 8.52 -13.72 16.75
CA GLN C 88 9.76 -12.98 16.93
C GLN C 88 10.09 -12.30 15.60
N PHE C 89 9.90 -10.99 15.55
CA PHE C 89 10.22 -10.22 14.35
C PHE C 89 11.38 -9.27 14.63
N THR C 90 11.79 -8.54 13.61
CA THR C 90 12.87 -7.58 13.68
C THR C 90 12.31 -6.18 13.86
N PRO C 91 13.12 -5.23 14.34
CA PRO C 91 12.62 -3.85 14.44
C PRO C 91 12.18 -3.28 13.11
N ALA C 92 12.78 -3.73 12.01
CA ALA C 92 12.38 -3.25 10.69
C ALA C 92 10.96 -3.63 10.35
N PHE C 93 10.43 -4.70 10.97
CA PHE C 93 9.07 -5.14 10.71
C PHE C 93 8.06 -4.00 10.89
N LEU C 94 8.27 -3.16 11.92
CA LEU C 94 7.39 -2.04 12.23
C LEU C 94 7.46 -0.91 11.21
N ARG C 95 8.40 -0.96 10.26
CA ARG C 95 8.52 0.06 9.23
C ARG C 95 8.09 -0.43 7.85
N LEU C 96 7.31 -1.51 7.81
CA LEU C 96 6.89 -2.08 6.54
C LEU C 96 5.66 -1.39 5.99
N ARG C 97 5.57 -1.34 4.66
CA ARG C 97 4.40 -0.76 4.01
C ARG C 97 3.26 -1.75 3.95
N GLN C 98 3.48 -2.92 3.33
CA GLN C 98 2.41 -3.87 3.09
C GLN C 98 2.95 -5.29 3.17
N VAL C 99 2.15 -6.19 3.74
CA VAL C 99 2.50 -7.59 3.93
C VAL C 99 1.46 -8.46 3.25
N GLY C 100 1.91 -9.54 2.62
CA GLY C 100 1.04 -10.54 2.02
C GLY C 100 1.07 -11.82 2.84
N ALA C 101 -0.11 -12.32 3.17
CA ALA C 101 -0.27 -13.51 3.99
C ALA C 101 -0.98 -14.59 3.18
N THR C 102 -0.38 -15.78 3.12
CA THR C 102 -0.93 -16.91 2.38
C THR C 102 -1.29 -18.01 3.37
N VAL C 103 -2.56 -18.40 3.39
CA VAL C 103 -3.07 -19.38 4.34
C VAL C 103 -3.70 -20.53 3.56
N GLU C 104 -3.31 -21.76 3.91
CA GLU C 104 -3.88 -22.97 3.36
C GLU C 104 -4.64 -23.70 4.46
N PHE C 105 -5.86 -24.13 4.17
CA PHE C 105 -6.68 -24.76 5.19
C PHE C 105 -7.59 -25.80 4.56
N THR C 106 -8.02 -26.75 5.39
CA THR C 106 -8.92 -27.83 5.01
C THR C 106 -10.27 -27.61 5.67
N VAL C 107 -11.30 -28.20 5.06
CA VAL C 107 -12.69 -27.98 5.46
C VAL C 107 -13.40 -29.32 5.53
N GLY C 108 -14.42 -29.40 6.38
CA GLY C 108 -15.22 -30.60 6.51
C GLY C 108 -16.29 -30.72 5.43
N ASP C 109 -17.31 -31.53 5.74
CA ASP C 109 -18.36 -31.78 4.76
C ASP C 109 -19.28 -30.59 4.59
N LYS C 110 -19.69 -29.96 5.69
CA LYS C 110 -20.72 -28.93 5.64
C LYS C 110 -20.24 -27.74 4.81
N PRO C 111 -21.08 -27.21 3.92
CA PRO C 111 -20.69 -25.99 3.19
C PRO C 111 -20.40 -24.85 4.15
N VAL C 112 -19.28 -24.17 3.93
CA VAL C 112 -18.87 -23.06 4.76
C VAL C 112 -19.21 -21.78 4.01
N ASN C 113 -20.28 -21.11 4.45
CA ASN C 113 -20.77 -19.90 3.82
C ASN C 113 -20.26 -18.68 4.58
N ASN C 114 -19.77 -17.69 3.84
CA ASN C 114 -19.30 -16.42 4.41
C ASN C 114 -18.23 -16.65 5.47
N PHE C 115 -17.17 -17.37 5.09
CA PHE C 115 -16.03 -17.54 5.97
C PHE C 115 -15.26 -16.23 6.08
N ARG C 116 -15.24 -15.66 7.28
CA ARG C 116 -14.75 -14.31 7.50
C ARG C 116 -13.82 -14.29 8.70
N MET C 117 -12.81 -13.44 8.64
CA MET C 117 -11.84 -13.30 9.73
C MET C 117 -11.71 -11.84 10.14
N ILE C 118 -11.87 -11.57 11.43
CA ILE C 118 -11.65 -10.25 12.01
C ILE C 118 -10.49 -10.38 12.98
N GLU C 119 -9.41 -9.65 12.70
CA GLU C 119 -8.17 -9.76 13.46
C GLU C 119 -7.77 -8.39 13.97
N ARG C 120 -7.60 -8.28 15.29
CA ARG C 120 -7.37 -7.00 15.94
C ARG C 120 -6.04 -7.03 16.68
N HIS C 121 -5.19 -6.05 16.40
CA HIS C 121 -3.86 -5.95 16.99
C HIS C 121 -3.80 -4.77 17.96
N TYR C 122 -3.26 -4.99 19.15
CA TYR C 122 -3.16 -3.96 20.17
C TYR C 122 -1.73 -3.88 20.69
N PHE C 123 -1.37 -2.70 21.19
CA PHE C 123 -0.22 -2.53 22.06
C PHE C 123 -0.67 -1.81 23.32
N ARG C 124 -0.52 -2.47 24.47
CA ARG C 124 -0.91 -1.90 25.76
C ARG C 124 -2.35 -1.40 25.74
N ASN C 125 -3.24 -2.23 25.20
CA ASN C 125 -4.68 -1.94 25.17
C ASN C 125 -4.99 -0.66 24.39
N GLN C 126 -4.26 -0.43 23.30
CA GLN C 126 -4.60 0.59 22.33
C GLN C 126 -4.63 -0.06 20.95
N LEU C 127 -5.78 -0.02 20.28
CA LEU C 127 -5.92 -0.69 19.00
C LEU C 127 -4.94 -0.10 17.99
N LEU C 128 -4.16 -0.97 17.36
CA LEU C 128 -3.24 -0.56 16.31
C LEU C 128 -3.92 -0.55 14.95
N LYS C 129 -4.65 -1.62 14.64
CA LYS C 129 -5.41 -1.75 13.41
C LYS C 129 -6.24 -3.03 13.50
N SER C 130 -7.40 -2.98 12.88
CA SER C 130 -8.30 -4.13 12.76
C SER C 130 -8.39 -4.54 11.30
N PHE C 131 -8.32 -5.84 11.03
CA PHE C 131 -8.29 -6.37 9.68
C PHE C 131 -9.50 -7.26 9.45
N ASP C 132 -10.15 -7.06 8.31
CA ASP C 132 -11.40 -7.71 7.95
C ASP C 132 -11.16 -8.44 6.63
N PHE C 133 -10.87 -9.74 6.70
CA PHE C 133 -10.59 -10.55 5.52
C PHE C 133 -11.72 -11.52 5.30
N HIS C 134 -12.22 -11.57 4.06
CA HIS C 134 -13.21 -12.56 3.65
C HIS C 134 -12.51 -13.66 2.86
N PHE C 135 -12.75 -14.89 3.25
CA PHE C 135 -12.38 -16.04 2.43
C PHE C 135 -13.50 -16.29 1.44
N GLY C 136 -13.12 -16.74 0.24
CA GLY C 136 -14.11 -16.87 -0.82
C GLY C 136 -14.96 -18.11 -0.70
N PHE C 137 -15.26 -18.74 -1.83
CA PHE C 137 -15.88 -20.05 -1.79
C PHE C 137 -14.91 -21.05 -1.20
N CYS C 138 -15.38 -21.86 -0.27
CA CYS C 138 -14.57 -22.89 0.36
C CYS C 138 -14.92 -24.23 -0.28
N ILE C 139 -13.93 -24.90 -0.85
CA ILE C 139 -14.14 -26.23 -1.42
C ILE C 139 -14.29 -27.19 -0.24
N PRO C 140 -15.43 -27.85 -0.10
CA PRO C 140 -15.61 -28.75 1.04
C PRO C 140 -14.77 -30.00 0.90
N SER C 141 -14.31 -30.52 2.05
CA SER C 141 -13.52 -31.74 2.12
C SER C 141 -12.24 -31.65 1.28
N SER C 142 -11.70 -30.44 1.11
CA SER C 142 -10.56 -30.21 0.23
C SER C 142 -9.67 -29.13 0.83
N LYS C 143 -8.48 -29.01 0.24
CA LYS C 143 -7.50 -28.03 0.68
C LYS C 143 -7.72 -26.72 -0.08
N ASN C 144 -7.91 -25.64 0.65
CA ASN C 144 -8.11 -24.32 0.09
C ASN C 144 -6.87 -23.47 0.32
N THR C 145 -6.71 -22.44 -0.51
CA THR C 145 -5.61 -21.50 -0.36
C THR C 145 -6.14 -20.08 -0.57
N CYS C 146 -5.65 -19.15 0.25
CA CYS C 146 -6.18 -17.80 0.27
C CYS C 146 -5.06 -16.82 0.61
N GLU C 147 -5.09 -15.65 -0.02
CA GLU C 147 -4.06 -14.64 0.17
C GLU C 147 -4.70 -13.31 0.54
N HIS C 148 -4.17 -12.67 1.59
CA HIS C 148 -4.76 -11.46 2.14
C HIS C 148 -3.68 -10.41 2.40
N ILE C 149 -4.01 -9.15 2.11
CA ILE C 149 -3.07 -8.05 2.14
C ILE C 149 -3.28 -7.25 3.43
N TYR C 150 -2.20 -7.12 4.21
CA TYR C 150 -2.18 -6.26 5.39
C TYR C 150 -1.53 -4.94 4.98
N ASP C 151 -2.33 -3.87 4.91
CA ASP C 151 -1.76 -2.54 4.83
C ASP C 151 -1.45 -2.07 6.24
N PHE C 152 -0.18 -1.78 6.51
CA PHE C 152 0.21 -1.40 7.88
C PHE C 152 -0.37 -0.03 8.23
N PRO C 153 -0.85 0.13 9.46
CA PRO C 153 -1.32 1.45 9.91
C PRO C 153 -0.15 2.38 10.12
N PRO C 154 -0.40 3.70 10.19
CA PRO C 154 0.70 4.63 10.47
C PRO C 154 1.11 4.51 11.93
N LEU C 155 2.42 4.40 12.17
CA LEU C 155 2.93 4.18 13.51
C LEU C 155 3.84 5.34 13.89
N SER C 156 3.49 6.04 14.97
CA SER C 156 4.32 7.12 15.47
C SER C 156 5.66 6.58 15.94
N GLU C 157 6.68 7.44 15.87
CA GLU C 157 8.01 7.04 16.36
C GLU C 157 7.96 6.74 17.85
N GLU C 158 7.10 7.42 18.59
CA GLU C 158 6.95 7.11 20.01
C GLU C 158 6.41 5.70 20.21
N LEU C 159 5.40 5.31 19.42
CA LEU C 159 4.84 3.97 19.53
C LEU C 159 5.85 2.91 19.11
N ILE C 160 6.55 3.15 17.99
CA ILE C 160 7.53 2.19 17.48
C ILE C 160 8.59 1.92 18.54
N SER C 161 9.11 2.98 19.17
CA SER C 161 10.14 2.81 20.18
C SER C 161 9.64 1.99 21.36
N GLU C 162 8.40 2.24 21.80
CA GLU C 162 7.85 1.51 22.94
C GLU C 162 7.58 0.04 22.60
N MET C 163 7.19 -0.24 21.35
CA MET C 163 6.92 -1.62 20.98
C MET C 163 8.21 -2.43 20.88
N ILE C 164 9.28 -1.81 20.38
CA ILE C 164 10.59 -2.45 20.39
C ILE C 164 11.06 -2.66 21.82
N ARG C 165 10.74 -1.72 22.71
CA ARG C 165 11.28 -1.71 24.07
C ARG C 165 10.62 -2.74 24.97
N HIS C 166 9.36 -3.08 24.74
CA HIS C 166 8.59 -3.99 25.58
C HIS C 166 8.07 -5.13 24.71
N PRO C 167 8.89 -6.16 24.47
CA PRO C 167 8.44 -7.29 23.65
C PRO C 167 7.27 -8.02 24.30
N TYR C 168 6.39 -8.54 23.45
CA TYR C 168 5.22 -9.36 23.80
C TYR C 168 4.10 -8.56 24.45
N GLU C 169 4.24 -7.23 24.58
CA GLU C 169 3.11 -6.41 25.00
C GLU C 169 2.19 -6.07 23.83
N THR C 170 2.62 -6.34 22.60
CA THR C 170 1.75 -6.26 21.43
C THR C 170 1.02 -7.58 21.26
N GLN C 171 -0.31 -7.54 21.20
CA GLN C 171 -1.12 -8.75 21.21
C GLN C 171 -2.20 -8.67 20.15
N SER C 172 -2.68 -9.84 19.72
CA SER C 172 -3.72 -9.90 18.70
C SER C 172 -4.76 -10.95 19.04
N ASP C 173 -6.00 -10.66 18.66
CA ASP C 173 -7.10 -11.61 18.68
C ASP C 173 -7.52 -11.90 17.25
N SER C 174 -7.59 -13.18 16.89
CA SER C 174 -8.02 -13.61 15.55
C SER C 174 -9.38 -14.29 15.66
N PHE C 175 -10.42 -13.59 15.21
CA PHE C 175 -11.79 -14.09 15.28
C PHE C 175 -12.19 -14.62 13.91
N TYR C 176 -12.74 -15.83 13.87
CA TYR C 176 -13.13 -16.50 12.64
C TYR C 176 -14.62 -16.76 12.66
N PHE C 177 -15.34 -16.23 11.67
CA PHE C 177 -16.79 -16.29 11.64
C PHE C 177 -17.27 -17.11 10.45
N VAL C 178 -18.33 -17.89 10.69
CA VAL C 178 -19.07 -18.59 9.63
C VAL C 178 -20.54 -18.27 9.85
N ASP C 179 -21.20 -17.75 8.81
CA ASP C 179 -22.60 -17.34 8.89
C ASP C 179 -22.83 -16.35 10.04
N ASP C 180 -21.88 -15.43 10.21
CA ASP C 180 -21.95 -14.40 11.26
C ASP C 180 -21.98 -15.00 12.67
N ARG C 181 -21.38 -16.17 12.86
CA ARG C 181 -21.27 -16.77 14.18
C ARG C 181 -19.84 -17.24 14.41
N LEU C 182 -19.28 -16.88 15.57
CA LEU C 182 -17.90 -17.26 15.89
C LEU C 182 -17.74 -18.77 15.91
N VAL C 183 -16.68 -19.24 15.26
CA VAL C 183 -16.36 -20.68 15.27
C VAL C 183 -14.91 -20.97 15.65
N MET C 184 -14.01 -20.00 15.64
CA MET C 184 -12.63 -20.22 16.03
C MET C 184 -12.08 -18.96 16.68
N HIS C 185 -11.04 -19.14 17.47
CA HIS C 185 -10.41 -18.02 18.18
C HIS C 185 -8.95 -18.38 18.39
N ASN C 186 -8.05 -17.55 17.87
CA ASN C 186 -6.62 -17.72 18.06
C ASN C 186 -6.02 -16.44 18.62
N LYS C 187 -4.95 -16.59 19.39
CA LYS C 187 -4.30 -15.46 20.05
C LYS C 187 -2.81 -15.48 19.76
N ALA C 188 -2.19 -14.31 19.90
CA ALA C 188 -0.77 -14.19 19.62
C ALA C 188 -0.21 -12.95 20.32
N ASP C 189 1.09 -12.99 20.62
CA ASP C 189 1.83 -11.80 21.00
C ASP C 189 3.13 -11.74 20.21
N TYR C 190 3.76 -10.56 20.22
CA TYR C 190 4.80 -10.25 19.25
C TYR C 190 6.00 -9.58 19.91
N SER C 191 7.19 -9.96 19.45
CA SER C 191 8.42 -9.27 19.78
C SER C 191 9.00 -8.62 18.54
N TYR C 192 9.63 -7.47 18.73
CA TYR C 192 10.28 -6.75 17.65
C TYR C 192 11.74 -6.46 17.98
N SER C 193 12.34 -7.29 18.82
CA SER C 193 13.70 -7.09 19.32
C SER C 193 14.75 -7.87 18.55
N GLY C 194 14.38 -8.46 17.42
CA GLY C 194 15.29 -9.32 16.70
C GLY C 194 15.37 -10.71 17.31
N THR C 195 16.55 -11.08 17.78
CA THR C 195 16.77 -12.38 18.41
C THR C 195 16.31 -13.54 17.52
N GLN D 14 -10.15 6.27 -14.08
CA GLN D 14 -11.52 6.76 -14.23
C GLN D 14 -11.58 7.89 -15.26
N PRO D 15 -12.22 7.61 -16.40
CA PRO D 15 -12.25 8.59 -17.49
C PRO D 15 -13.03 9.85 -17.11
N ILE D 16 -12.61 10.97 -17.69
CA ILE D 16 -13.18 12.29 -17.38
C ILE D 16 -13.64 12.93 -18.69
N GLY D 17 -14.90 13.36 -18.72
CA GLY D 17 -15.46 13.98 -19.89
C GLY D 17 -15.97 15.38 -19.63
N PRO D 18 -16.46 16.04 -20.68
CA PRO D 18 -16.91 17.43 -20.53
C PRO D 18 -18.02 17.61 -19.50
N GLU D 19 -18.92 16.64 -19.37
CA GLU D 19 -20.01 16.78 -18.42
C GLU D 19 -19.52 16.73 -16.98
N ASP D 20 -18.39 16.05 -16.73
CA ASP D 20 -17.84 15.97 -15.38
C ASP D 20 -17.39 17.34 -14.89
N VAL D 21 -16.58 18.04 -15.68
CA VAL D 21 -16.08 19.35 -15.26
C VAL D 21 -17.15 20.43 -15.38
N LEU D 22 -18.19 20.23 -16.19
CA LEU D 22 -19.21 21.25 -16.39
C LEU D 22 -20.04 21.49 -15.13
N GLY D 23 -20.04 20.57 -14.19
CA GLY D 23 -20.76 20.73 -12.94
C GLY D 23 -19.93 21.11 -11.74
N LEU D 24 -18.64 21.40 -11.93
CA LEU D 24 -17.78 21.74 -10.80
C LEU D 24 -18.14 23.11 -10.23
N GLN D 25 -18.15 23.21 -8.91
CA GLN D 25 -18.42 24.48 -8.24
C GLN D 25 -17.21 25.02 -7.47
N ARG D 26 -16.13 24.26 -7.37
CA ARG D 26 -14.89 24.70 -6.75
C ARG D 26 -13.77 24.60 -7.77
N ILE D 27 -12.64 25.21 -7.44
CA ILE D 27 -11.41 24.91 -8.15
C ILE D 27 -10.93 23.51 -7.75
N THR D 28 -10.30 22.80 -8.68
CA THR D 28 -9.89 21.43 -8.40
C THR D 28 -8.72 21.41 -7.42
N GLY D 29 -8.73 20.44 -6.51
CA GLY D 29 -7.64 20.28 -5.56
C GLY D 29 -6.36 19.75 -6.18
N ASP D 30 -6.44 19.20 -7.38
CA ASP D 30 -5.28 18.64 -8.07
C ASP D 30 -5.54 18.67 -9.56
N TYR D 31 -4.48 18.46 -10.33
CA TYR D 31 -4.65 18.23 -11.75
C TYR D 31 -5.44 16.95 -11.99
N LEU D 32 -6.41 17.01 -12.90
CA LEU D 32 -7.25 15.86 -13.18
C LEU D 32 -6.64 14.92 -14.21
N CYS D 33 -5.59 15.33 -14.89
CA CYS D 33 -4.85 14.47 -15.79
C CYS D 33 -3.36 14.72 -15.63
N SER D 34 -2.56 13.72 -15.93
CA SER D 34 -1.12 13.85 -15.93
C SER D 34 -0.65 14.46 -17.25
N PRO D 35 0.57 15.01 -17.30
CA PRO D 35 1.06 15.57 -18.57
C PRO D 35 1.12 14.54 -19.70
N GLU D 36 1.37 13.28 -19.38
CA GLU D 36 1.57 12.26 -20.41
C GLU D 36 0.26 11.90 -21.13
N GLU D 37 -0.89 12.21 -20.54
CA GLU D 37 -2.16 11.93 -21.20
C GLU D 37 -2.37 12.79 -22.43
N ASN D 38 -1.55 13.82 -22.63
CA ASN D 38 -1.57 14.65 -23.83
C ASN D 38 -0.83 13.91 -24.93
N ILE D 39 -1.49 12.90 -25.50
CA ILE D 39 -0.90 12.07 -26.55
C ILE D 39 -0.90 12.75 -27.91
N TYR D 40 -1.57 13.89 -28.03
CA TYR D 40 -1.62 14.62 -29.30
C TYR D 40 -0.53 15.68 -29.40
N LYS D 41 0.31 15.83 -28.38
CA LYS D 41 1.47 16.72 -28.40
C LYS D 41 1.06 18.16 -28.72
N ILE D 42 0.06 18.64 -27.99
CA ILE D 42 -0.46 19.99 -28.14
C ILE D 42 0.38 20.91 -27.25
N ASP D 43 1.14 21.80 -27.87
CA ASP D 43 2.01 22.74 -27.17
C ASP D 43 1.63 24.16 -27.57
N PHE D 44 1.45 25.03 -26.58
CA PHE D 44 1.00 26.40 -26.81
C PHE D 44 2.21 27.33 -26.88
N VAL D 45 2.34 28.05 -27.98
CA VAL D 45 3.51 28.86 -28.24
C VAL D 45 3.24 30.35 -28.08
N ARG D 46 1.99 30.80 -28.26
CA ARG D 46 1.66 32.22 -28.17
C ARG D 46 0.29 32.39 -27.54
N PHE D 47 0.12 33.50 -26.83
CA PHE D 47 -1.17 33.83 -26.20
C PHE D 47 -1.29 35.33 -26.10
N LYS D 48 -2.39 35.88 -26.61
CA LYS D 48 -2.56 37.33 -26.72
C LYS D 48 -3.98 37.70 -26.27
N ILE D 49 -4.07 38.69 -25.39
CA ILE D 49 -5.33 39.16 -24.83
C ILE D 49 -5.52 40.61 -25.24
N ARG D 50 -6.66 40.92 -25.83
CA ARG D 50 -6.93 42.24 -26.39
CA ARG D 50 -6.93 42.23 -26.41
C ARG D 50 -8.30 42.72 -25.98
N ASP D 51 -8.39 44.00 -25.63
CA ASP D 51 -9.66 44.62 -25.23
C ASP D 51 -10.40 45.10 -26.48
N MET D 52 -11.58 44.53 -26.72
CA MET D 52 -12.29 44.81 -27.97
C MET D 52 -12.86 46.22 -28.03
N ASP D 53 -13.00 46.90 -26.90
CA ASP D 53 -13.53 48.27 -26.89
C ASP D 53 -12.44 49.33 -26.93
N SER D 54 -11.17 48.95 -26.89
CA SER D 54 -10.10 49.95 -26.92
C SER D 54 -8.92 49.56 -27.81
N GLY D 55 -8.80 48.32 -28.25
CA GLY D 55 -7.63 47.90 -29.01
C GLY D 55 -6.37 47.71 -28.19
N THR D 56 -6.48 47.77 -26.86
CA THR D 56 -5.32 47.64 -25.98
C THR D 56 -5.01 46.17 -25.71
N VAL D 57 -3.72 45.83 -25.74
CA VAL D 57 -3.26 44.48 -25.49
C VAL D 57 -3.08 44.31 -23.98
N LEU D 58 -3.98 43.54 -23.36
CA LEU D 58 -3.92 43.36 -21.92
C LEU D 58 -2.77 42.47 -21.50
N PHE D 59 -2.33 41.57 -22.38
CA PHE D 59 -1.33 40.56 -22.03
C PHE D 59 -0.88 39.85 -23.30
N GLU D 60 0.41 39.52 -23.37
CA GLU D 60 0.95 38.73 -24.46
C GLU D 60 2.22 38.05 -24.00
N ILE D 61 2.45 36.85 -24.54
CA ILE D 61 3.67 36.10 -24.26
C ILE D 61 3.93 35.15 -25.42
N LYS D 62 5.21 34.85 -25.65
CA LYS D 62 5.62 33.94 -26.71
C LYS D 62 6.55 32.89 -26.13
N LYS D 63 6.66 31.76 -26.82
CA LYS D 63 7.55 30.69 -26.40
C LYS D 63 8.80 30.70 -27.28
N PRO D 64 10.00 30.92 -26.72
CA PRO D 64 11.27 30.87 -27.46
C PRO D 64 11.51 29.51 -28.11
N ALA D 81 4.10 21.05 -13.71
CA ALA D 81 5.22 21.39 -14.58
C ALA D 81 5.09 22.81 -15.11
N GLY D 82 4.54 22.95 -16.31
CA GLY D 82 4.28 24.26 -16.87
C GLY D 82 2.80 24.60 -16.86
N ARG D 83 2.05 23.98 -15.95
CA ARG D 83 0.60 24.03 -15.96
C ARG D 83 0.02 25.14 -15.08
N PHE D 84 0.84 25.95 -14.42
CA PHE D 84 0.35 27.03 -13.59
C PHE D 84 0.92 28.35 -14.07
N VAL D 85 0.06 29.37 -14.16
CA VAL D 85 0.43 30.70 -14.60
C VAL D 85 -0.18 31.72 -13.66
N ARG D 86 0.58 32.75 -13.34
CA ARG D 86 0.12 33.82 -12.46
C ARG D 86 0.04 35.12 -13.26
N TYR D 87 -1.15 35.71 -13.32
CA TYR D 87 -1.41 36.90 -14.12
C TYR D 87 -1.59 38.13 -13.25
N GLN D 88 -1.09 39.27 -13.73
CA GLN D 88 -1.26 40.56 -13.06
C GLN D 88 -2.06 41.47 -13.98
N PHE D 89 -3.25 41.88 -13.52
CA PHE D 89 -4.11 42.75 -14.28
C PHE D 89 -4.44 43.99 -13.46
N THR D 90 -5.01 44.99 -14.12
CA THR D 90 -5.45 46.23 -13.50
C THR D 90 -6.85 46.07 -12.95
N PRO D 91 -7.26 46.93 -12.01
CA PRO D 91 -8.67 46.91 -11.56
C PRO D 91 -9.66 47.24 -12.68
N ALA D 92 -9.24 47.96 -13.72
CA ALA D 92 -10.10 48.18 -14.87
C ALA D 92 -10.41 46.89 -15.62
N PHE D 93 -9.62 45.85 -15.42
CA PHE D 93 -9.88 44.56 -16.05
C PHE D 93 -11.27 44.03 -15.69
N LEU D 94 -11.68 44.20 -14.43
CA LEU D 94 -12.94 43.66 -13.96
C LEU D 94 -14.17 44.33 -14.56
N ARG D 95 -14.00 45.47 -15.23
CA ARG D 95 -15.12 46.19 -15.83
C ARG D 95 -15.14 46.09 -17.36
N LEU D 96 -14.26 45.28 -17.92
CA LEU D 96 -14.24 45.07 -19.36
C LEU D 96 -15.53 44.39 -19.82
N ARG D 97 -15.90 44.64 -21.07
CA ARG D 97 -17.07 44.03 -21.67
C ARG D 97 -16.74 42.80 -22.50
N GLN D 98 -15.69 42.86 -23.31
CA GLN D 98 -15.39 41.78 -24.23
C GLN D 98 -13.89 41.77 -24.52
N VAL D 99 -13.29 40.58 -24.48
CA VAL D 99 -11.85 40.41 -24.65
C VAL D 99 -11.62 39.38 -25.76
N GLY D 100 -10.67 39.69 -26.66
CA GLY D 100 -10.31 38.78 -27.73
C GLY D 100 -8.99 38.08 -27.43
N ALA D 101 -9.06 36.75 -27.36
CA ALA D 101 -7.90 35.91 -27.08
C ALA D 101 -7.42 35.23 -28.36
N THR D 102 -6.12 35.32 -28.63
CA THR D 102 -5.50 34.68 -29.78
C THR D 102 -4.52 33.63 -29.29
N VAL D 103 -4.69 32.40 -29.78
CA VAL D 103 -3.92 31.25 -29.33
C VAL D 103 -3.20 30.64 -30.52
N GLU D 104 -1.92 30.34 -30.34
CA GLU D 104 -1.14 29.57 -31.31
C GLU D 104 -0.64 28.30 -30.64
N PHE D 105 -0.88 27.16 -31.28
CA PHE D 105 -0.48 25.88 -30.72
C PHE D 105 0.02 24.95 -31.83
N THR D 106 0.89 24.02 -31.44
CA THR D 106 1.40 23.00 -32.33
C THR D 106 0.74 21.67 -32.02
N VAL D 107 0.61 20.83 -33.06
CA VAL D 107 -0.07 19.56 -32.97
C VAL D 107 0.90 18.47 -33.41
N GLY D 108 0.67 17.25 -32.92
CA GLY D 108 1.44 16.10 -33.34
C GLY D 108 0.96 15.57 -34.69
N ASP D 109 1.39 14.35 -35.01
CA ASP D 109 0.98 13.73 -36.26
C ASP D 109 -0.41 13.09 -36.18
N LYS D 110 -0.88 12.74 -34.98
CA LYS D 110 -2.19 12.12 -34.87
C LYS D 110 -3.29 13.17 -35.09
N PRO D 111 -4.37 12.80 -35.78
CA PRO D 111 -5.48 13.74 -35.96
C PRO D 111 -6.12 14.09 -34.62
N VAL D 112 -6.56 15.34 -34.50
CA VAL D 112 -7.18 15.86 -33.28
C VAL D 112 -8.59 16.28 -33.64
N ASN D 113 -9.58 15.55 -33.14
CA ASN D 113 -10.97 15.74 -33.53
C ASN D 113 -11.79 16.26 -32.36
N ASN D 114 -12.56 17.31 -32.62
CA ASN D 114 -13.40 17.96 -31.60
C ASN D 114 -12.55 18.51 -30.45
N PHE D 115 -11.54 19.30 -30.81
CA PHE D 115 -10.70 19.93 -29.80
C PHE D 115 -11.50 21.00 -29.06
N ARG D 116 -11.50 20.93 -27.73
CA ARG D 116 -12.45 21.69 -26.94
C ARG D 116 -11.84 22.08 -25.61
N MET D 117 -11.97 23.35 -25.24
CA MET D 117 -11.53 23.83 -23.93
C MET D 117 -12.74 24.29 -23.12
N ILE D 118 -12.85 23.79 -21.90
CA ILE D 118 -13.84 24.25 -20.94
C ILE D 118 -13.06 24.95 -19.83
N GLU D 119 -13.12 26.27 -19.81
CA GLU D 119 -12.37 27.09 -18.87
C GLU D 119 -13.34 27.72 -17.87
N ARG D 120 -13.06 27.55 -16.58
CA ARG D 120 -13.94 28.00 -15.52
C ARG D 120 -13.17 28.91 -14.57
N HIS D 121 -13.81 30.00 -14.14
CA HIS D 121 -13.18 31.00 -13.31
C HIS D 121 -13.96 31.17 -12.02
N TYR D 122 -13.25 31.15 -10.89
CA TYR D 122 -13.86 31.24 -9.57
C TYR D 122 -13.17 32.31 -8.74
N PHE D 123 -13.95 32.93 -7.85
CA PHE D 123 -13.40 33.71 -6.75
C PHE D 123 -13.95 33.16 -5.45
N ARG D 124 -13.05 32.73 -4.57
CA ARG D 124 -13.43 32.15 -3.27
C ARG D 124 -14.46 31.05 -3.44
N ASN D 125 -14.19 30.15 -4.41
CA ASN D 125 -15.05 28.99 -4.69
C ASN D 125 -16.47 29.40 -5.07
N GLN D 126 -16.62 30.54 -5.76
CA GLN D 126 -17.87 30.92 -6.38
C GLN D 126 -17.64 31.05 -7.88
N LEU D 127 -18.44 30.35 -8.67
CA LEU D 127 -18.26 30.38 -10.13
C LEU D 127 -18.55 31.78 -10.67
N LEU D 128 -17.55 32.38 -11.31
CA LEU D 128 -17.76 33.67 -11.96
C LEU D 128 -18.41 33.48 -13.32
N LYS D 129 -17.81 32.64 -14.16
CA LYS D 129 -18.34 32.30 -15.48
C LYS D 129 -17.55 31.10 -15.99
N SER D 130 -18.21 30.29 -16.81
CA SER D 130 -17.57 29.19 -17.51
C SER D 130 -17.55 29.48 -19.01
N PHE D 131 -16.43 29.18 -19.65
CA PHE D 131 -16.24 29.40 -21.08
C PHE D 131 -16.00 28.06 -21.77
N ASP D 132 -16.63 27.89 -22.93
CA ASP D 132 -16.58 26.63 -23.69
C ASP D 132 -16.23 26.97 -25.13
N PHE D 133 -14.97 26.75 -25.51
CA PHE D 133 -14.45 27.10 -26.83
C PHE D 133 -14.09 25.84 -27.60
N HIS D 134 -14.50 25.80 -28.86
CA HIS D 134 -14.04 24.76 -29.80
C HIS D 134 -12.98 25.36 -30.73
N PHE D 135 -11.92 24.61 -30.95
CA PHE D 135 -10.80 25.09 -31.76
C PHE D 135 -10.96 24.80 -33.25
N GLY D 136 -11.99 24.04 -33.65
CA GLY D 136 -12.17 23.69 -35.03
C GLY D 136 -11.19 22.62 -35.48
N PHE D 137 -10.94 22.60 -36.80
CA PHE D 137 -10.00 21.65 -37.36
C PHE D 137 -8.57 22.04 -37.00
N CYS D 138 -7.78 21.05 -36.59
CA CYS D 138 -6.38 21.25 -36.23
C CYS D 138 -5.51 20.66 -37.33
N ILE D 139 -4.67 21.50 -37.93
CA ILE D 139 -3.75 21.03 -38.96
C ILE D 139 -2.71 20.16 -38.26
N PRO D 140 -2.64 18.87 -38.59
CA PRO D 140 -1.65 18.00 -37.92
C PRO D 140 -0.23 18.43 -38.25
N SER D 141 0.65 18.32 -37.25
CA SER D 141 2.09 18.60 -37.41
C SER D 141 2.34 20.01 -37.94
N SER D 142 1.47 20.96 -37.58
CA SER D 142 1.58 22.32 -38.08
C SER D 142 1.22 23.30 -36.97
N LYS D 143 1.67 24.54 -37.13
CA LYS D 143 1.24 25.62 -36.26
C LYS D 143 -0.22 25.94 -36.56
N ASN D 144 -1.03 26.05 -35.50
CA ASN D 144 -2.42 26.41 -35.63
C ASN D 144 -2.66 27.72 -34.89
N THR D 145 -3.54 28.55 -35.43
CA THR D 145 -3.92 29.81 -34.80
C THR D 145 -5.43 29.84 -34.66
N CYS D 146 -5.92 30.15 -33.46
CA CYS D 146 -7.34 30.21 -33.20
C CYS D 146 -7.65 31.46 -32.38
N GLU D 147 -8.77 32.09 -32.68
CA GLU D 147 -9.24 33.27 -31.97
C GLU D 147 -10.49 32.93 -31.19
N HIS D 148 -10.53 33.38 -29.95
CA HIS D 148 -11.68 33.19 -29.07
C HIS D 148 -12.18 34.54 -28.60
N ILE D 149 -13.44 34.58 -28.15
CA ILE D 149 -14.07 35.79 -27.65
C ILE D 149 -14.53 35.53 -26.23
N TYR D 150 -14.03 36.33 -25.29
CA TYR D 150 -14.44 36.26 -23.90
C TYR D 150 -15.45 37.36 -23.61
N ASP D 151 -16.67 36.98 -23.28
CA ASP D 151 -17.70 37.92 -22.85
C ASP D 151 -17.73 37.94 -21.33
N PHE D 152 -17.30 39.06 -20.74
CA PHE D 152 -17.18 39.12 -19.29
C PHE D 152 -18.56 39.06 -18.63
N PRO D 153 -18.71 38.30 -17.55
CA PRO D 153 -19.96 38.36 -16.80
C PRO D 153 -20.11 39.70 -16.12
N PRO D 154 -21.34 40.17 -15.92
CA PRO D 154 -21.56 41.36 -15.09
C PRO D 154 -21.21 41.04 -13.64
N LEU D 155 -20.28 41.80 -13.07
CA LEU D 155 -19.82 41.60 -11.71
C LEU D 155 -20.41 42.68 -10.81
N SER D 156 -20.94 42.27 -9.67
CA SER D 156 -21.45 43.22 -8.69
C SER D 156 -20.31 44.04 -8.10
N GLU D 157 -20.67 45.23 -7.60
CA GLU D 157 -19.68 46.12 -6.99
C GLU D 157 -19.03 45.47 -5.78
N GLU D 158 -19.82 44.76 -4.97
CA GLU D 158 -19.27 44.03 -3.83
C GLU D 158 -18.27 42.98 -4.28
N LEU D 159 -18.58 42.27 -5.37
CA LEU D 159 -17.67 41.26 -5.90
C LEU D 159 -16.40 41.89 -6.46
N ILE D 160 -16.54 42.99 -7.21
CA ILE D 160 -15.39 43.62 -7.84
C ILE D 160 -14.38 44.09 -6.79
N SER D 161 -14.86 44.80 -5.76
CA SER D 161 -13.96 45.29 -4.72
C SER D 161 -13.30 44.15 -3.97
N GLU D 162 -14.00 43.02 -3.79
CA GLU D 162 -13.40 41.87 -3.12
C GLU D 162 -12.31 41.24 -3.97
N MET D 163 -12.51 41.16 -5.29
CA MET D 163 -11.48 40.58 -6.15
C MET D 163 -10.22 41.44 -6.18
N ILE D 164 -10.40 42.77 -6.20
CA ILE D 164 -9.25 43.68 -6.11
C ILE D 164 -8.56 43.55 -4.76
N ARG D 165 -9.34 43.34 -3.69
CA ARG D 165 -8.81 43.38 -2.34
C ARG D 165 -8.01 42.13 -1.99
N HIS D 166 -8.26 40.99 -2.65
CA HIS D 166 -7.64 39.72 -2.31
C HIS D 166 -6.98 39.12 -3.55
N PRO D 167 -5.85 39.69 -3.99
CA PRO D 167 -5.21 39.21 -5.21
C PRO D 167 -4.78 37.75 -5.10
N TYR D 168 -4.87 37.04 -6.23
CA TYR D 168 -4.52 35.63 -6.41
C TYR D 168 -5.50 34.67 -5.75
N GLU D 169 -6.63 35.16 -5.24
CA GLU D 169 -7.71 34.27 -4.80
C GLU D 169 -8.71 33.99 -5.90
N THR D 170 -8.60 34.70 -7.04
CA THR D 170 -9.39 34.41 -8.23
C THR D 170 -8.63 33.36 -9.05
N GLN D 171 -9.25 32.20 -9.25
CA GLN D 171 -8.55 31.03 -9.79
C GLN D 171 -9.34 30.43 -10.96
N SER D 172 -8.59 29.80 -11.87
CA SER D 172 -9.18 29.22 -13.07
C SER D 172 -8.60 27.84 -13.33
N ASP D 173 -9.47 26.92 -13.76
CA ASP D 173 -9.09 25.64 -14.31
C ASP D 173 -9.39 25.65 -15.81
N SER D 174 -8.41 25.23 -16.61
CA SER D 174 -8.56 25.11 -18.06
C SER D 174 -8.51 23.63 -18.43
N PHE D 175 -9.66 23.06 -18.77
CA PHE D 175 -9.76 21.66 -19.16
C PHE D 175 -9.78 21.57 -20.69
N TYR D 176 -8.93 20.70 -21.23
CA TYR D 176 -8.81 20.50 -22.67
C TYR D 176 -9.26 19.08 -23.03
N PHE D 177 -10.17 18.98 -23.99
CA PHE D 177 -10.77 17.71 -24.38
C PHE D 177 -10.51 17.43 -25.86
N VAL D 178 -10.21 16.17 -26.16
CA VAL D 178 -10.19 15.66 -27.52
C VAL D 178 -11.05 14.40 -27.55
N ASP D 179 -12.01 14.36 -28.47
CA ASP D 179 -12.98 13.27 -28.53
C ASP D 179 -13.66 13.05 -27.19
N ASP D 180 -14.01 14.16 -26.53
CA ASP D 180 -14.70 14.17 -25.24
C ASP D 180 -13.90 13.50 -24.13
N ARG D 181 -12.57 13.47 -24.26
CA ARG D 181 -11.68 12.90 -23.26
C ARG D 181 -10.67 13.95 -22.81
N LEU D 182 -10.47 14.05 -21.50
CA LEU D 182 -9.53 15.03 -20.98
C LEU D 182 -8.10 14.66 -21.39
N VAL D 183 -7.39 15.61 -22.01
CA VAL D 183 -6.02 15.39 -22.42
C VAL D 183 -5.05 16.42 -21.84
N MET D 184 -5.52 17.61 -21.46
CA MET D 184 -4.68 18.60 -20.81
C MET D 184 -5.48 19.33 -19.75
N HIS D 185 -4.79 19.80 -18.71
CA HIS D 185 -5.40 20.55 -17.62
C HIS D 185 -4.41 21.60 -17.15
N ASN D 186 -4.85 22.86 -17.10
CA ASN D 186 -4.01 23.97 -16.68
C ASN D 186 -4.69 24.76 -15.58
N LYS D 187 -3.88 25.45 -14.76
CA LYS D 187 -4.37 26.22 -13.64
C LYS D 187 -3.76 27.62 -13.67
N ALA D 188 -4.48 28.58 -13.09
CA ALA D 188 -3.98 29.95 -13.02
C ALA D 188 -4.64 30.66 -11.85
N ASP D 189 -3.99 31.73 -11.39
CA ASP D 189 -4.59 32.67 -10.46
C ASP D 189 -4.32 34.10 -10.97
N TYR D 190 -5.06 35.05 -10.42
CA TYR D 190 -5.09 36.39 -10.99
C TYR D 190 -5.04 37.45 -9.90
N SER D 191 -4.26 38.50 -10.14
CA SER D 191 -4.28 39.72 -9.34
C SER D 191 -4.86 40.87 -10.17
N TYR D 192 -5.74 41.64 -9.54
CA TYR D 192 -6.27 42.86 -10.14
C TYR D 192 -5.79 44.10 -9.40
N SER D 193 -4.78 43.96 -8.55
CA SER D 193 -4.28 45.04 -7.70
C SER D 193 -3.17 45.83 -8.37
N GLY D 194 -3.42 46.28 -9.60
CA GLY D 194 -2.36 46.94 -10.36
C GLY D 194 -1.23 45.96 -10.63
N THR D 195 -0.01 46.40 -10.35
CA THR D 195 1.17 45.56 -10.57
C THR D 195 1.56 44.80 -9.31
N PRO E 15 -33.77 -33.01 -11.41
CA PRO E 15 -34.00 -32.54 -12.78
C PRO E 15 -33.99 -31.01 -12.85
N ILE E 16 -32.80 -30.44 -13.02
CA ILE E 16 -32.63 -28.99 -13.00
C ILE E 16 -32.75 -28.45 -14.42
N GLY E 17 -33.63 -27.46 -14.60
CA GLY E 17 -33.81 -26.83 -15.88
C GLY E 17 -33.39 -25.37 -15.85
N PRO E 18 -33.25 -24.76 -17.03
CA PRO E 18 -32.79 -23.36 -17.08
C PRO E 18 -33.68 -22.38 -16.34
N GLU E 19 -34.99 -22.59 -16.32
CA GLU E 19 -35.87 -21.65 -15.64
C GLU E 19 -35.83 -21.82 -14.12
N ASP E 20 -35.28 -22.94 -13.63
CA ASP E 20 -34.95 -23.03 -12.21
C ASP E 20 -33.80 -22.11 -11.83
N VAL E 21 -33.08 -21.57 -12.82
CA VAL E 21 -31.80 -20.91 -12.59
C VAL E 21 -31.88 -19.44 -13.02
N LEU E 22 -32.74 -19.15 -14.00
CA LEU E 22 -32.76 -17.82 -14.61
C LEU E 22 -33.23 -16.73 -13.64
N GLY E 23 -33.92 -17.09 -12.57
CA GLY E 23 -34.38 -16.13 -11.60
C GLY E 23 -33.59 -16.06 -10.32
N LEU E 24 -32.45 -16.76 -10.24
CA LEU E 24 -31.65 -16.79 -9.03
C LEU E 24 -31.11 -15.40 -8.70
N GLN E 25 -31.28 -14.99 -7.44
CA GLN E 25 -30.78 -13.70 -6.96
C GLN E 25 -29.64 -13.85 -5.97
N ARG E 26 -29.07 -15.04 -5.85
CA ARG E 26 -27.94 -15.28 -4.96
C ARG E 26 -27.07 -16.37 -5.55
N ILE E 27 -25.80 -16.37 -5.12
CA ILE E 27 -24.90 -17.44 -5.49
C ILE E 27 -25.31 -18.71 -4.74
N THR E 28 -25.30 -19.84 -5.43
CA THR E 28 -25.65 -21.10 -4.79
C THR E 28 -24.63 -21.45 -3.71
N GLY E 29 -25.12 -21.99 -2.60
CA GLY E 29 -24.23 -22.42 -1.55
C GLY E 29 -23.45 -23.68 -1.88
N ASP E 30 -23.94 -24.48 -2.83
CA ASP E 30 -23.31 -25.74 -3.17
C ASP E 30 -23.62 -26.07 -4.62
N TYR E 31 -22.87 -27.03 -5.16
CA TYR E 31 -23.08 -27.46 -6.53
C TYR E 31 -24.47 -28.08 -6.69
N LEU E 32 -25.13 -27.75 -7.79
CA LEU E 32 -26.48 -28.24 -8.08
C LEU E 32 -26.50 -29.60 -8.76
N CYS E 33 -25.34 -30.11 -9.18
CA CYS E 33 -25.27 -31.39 -9.87
C CYS E 33 -23.94 -32.05 -9.56
N SER E 34 -23.92 -33.38 -9.70
CA SER E 34 -22.72 -34.15 -9.47
C SER E 34 -21.82 -34.14 -10.70
N PRO E 35 -20.52 -34.41 -10.54
CA PRO E 35 -19.66 -34.58 -11.72
C PRO E 35 -20.10 -35.71 -12.61
N GLU E 36 -20.75 -36.73 -12.05
CA GLU E 36 -21.17 -37.89 -12.84
C GLU E 36 -22.28 -37.55 -13.83
N GLU E 37 -22.97 -36.42 -13.64
CA GLU E 37 -24.05 -36.03 -14.54
C GLU E 37 -23.54 -35.56 -15.90
N ASN E 38 -22.23 -35.39 -16.07
CA ASN E 38 -21.66 -35.02 -17.36
C ASN E 38 -21.60 -36.26 -18.27
N ILE E 39 -22.80 -36.79 -18.56
CA ILE E 39 -22.90 -38.01 -19.36
C ILE E 39 -22.31 -37.79 -20.74
N TYR E 40 -22.54 -36.61 -21.32
CA TYR E 40 -21.97 -36.27 -22.61
C TYR E 40 -20.46 -36.04 -22.55
N LYS E 41 -19.88 -36.10 -21.35
CA LYS E 41 -18.44 -36.06 -21.15
C LYS E 41 -17.79 -34.89 -21.89
N ILE E 42 -18.31 -33.69 -21.63
CA ILE E 42 -17.72 -32.47 -22.15
C ILE E 42 -16.55 -32.08 -21.24
N ASP E 43 -15.41 -31.76 -21.84
CA ASP E 43 -14.19 -31.47 -21.09
C ASP E 43 -13.56 -30.23 -21.70
N PHE E 44 -13.51 -29.14 -20.92
CA PHE E 44 -12.89 -27.91 -21.38
C PHE E 44 -11.39 -27.98 -21.19
N VAL E 45 -10.65 -27.73 -22.26
CA VAL E 45 -9.19 -27.85 -22.25
C VAL E 45 -8.47 -26.53 -22.48
N ARG E 46 -9.20 -25.45 -22.81
CA ARG E 46 -8.56 -24.16 -23.00
C ARG E 46 -9.56 -23.06 -22.67
N PHE E 47 -9.03 -21.90 -22.30
CA PHE E 47 -9.87 -20.78 -21.87
C PHE E 47 -9.06 -19.51 -22.03
N LYS E 48 -9.48 -18.64 -22.95
CA LYS E 48 -8.74 -17.43 -23.28
C LYS E 48 -9.67 -16.22 -23.13
N ILE E 49 -9.20 -15.20 -22.42
CA ILE E 49 -9.96 -13.98 -22.16
C ILE E 49 -9.18 -12.79 -22.70
N ARG E 50 -9.82 -11.99 -23.56
CA ARG E 50 -9.19 -10.82 -24.14
C ARG E 50 -10.14 -9.63 -24.06
N ASP E 51 -9.56 -8.44 -23.87
CA ASP E 51 -10.31 -7.19 -23.96
C ASP E 51 -10.72 -6.94 -25.40
N MET E 52 -12.02 -6.83 -25.64
CA MET E 52 -12.52 -6.71 -27.02
C MET E 52 -12.18 -5.38 -27.67
N ASP E 53 -11.72 -4.39 -26.91
CA ASP E 53 -11.34 -3.10 -27.47
C ASP E 53 -9.83 -2.97 -27.69
N SER E 54 -9.03 -3.20 -26.65
CA SER E 54 -7.58 -3.13 -26.81
C SER E 54 -7.04 -4.36 -27.53
N GLY E 55 -7.65 -5.52 -27.33
CA GLY E 55 -7.16 -6.76 -27.89
C GLY E 55 -6.17 -7.51 -27.03
N THR E 56 -5.70 -6.90 -25.94
CA THR E 56 -4.74 -7.55 -25.06
C THR E 56 -5.39 -8.74 -24.34
N VAL E 57 -4.64 -9.83 -24.23
CA VAL E 57 -5.13 -11.02 -23.54
C VAL E 57 -5.09 -10.80 -22.04
N LEU E 58 -6.21 -11.05 -21.38
CA LEU E 58 -6.32 -10.84 -19.93
C LEU E 58 -6.02 -12.09 -19.13
N PHE E 59 -6.40 -13.26 -19.63
CA PHE E 59 -6.23 -14.50 -18.90
C PHE E 59 -6.24 -15.66 -19.88
N GLU E 60 -5.39 -16.67 -19.63
CA GLU E 60 -5.37 -17.88 -20.43
C GLU E 60 -4.95 -19.04 -19.57
N ILE E 61 -5.55 -20.20 -19.80
CA ILE E 61 -5.20 -21.43 -19.10
C ILE E 61 -5.51 -22.61 -20.02
N LYS E 62 -4.65 -23.62 -19.99
CA LYS E 62 -4.84 -24.81 -20.80
C LYS E 62 -5.14 -26.02 -19.93
N ARG E 83 -13.48 -27.93 -10.39
CA ARG E 83 -14.69 -27.24 -10.79
C ARG E 83 -14.76 -25.84 -10.20
N PHE E 84 -13.61 -25.30 -9.81
CA PHE E 84 -13.56 -23.98 -9.20
C PHE E 84 -12.25 -23.31 -9.59
N VAL E 85 -12.32 -22.02 -9.88
CA VAL E 85 -11.15 -21.23 -10.25
C VAL E 85 -11.21 -19.89 -9.50
N ARG E 86 -10.08 -19.50 -8.94
CA ARG E 86 -9.94 -18.23 -8.22
C ARG E 86 -9.16 -17.26 -9.09
N TYR E 87 -9.84 -16.25 -9.61
CA TYR E 87 -9.22 -15.25 -10.48
C TYR E 87 -8.73 -14.06 -9.68
N GLN E 88 -7.57 -13.53 -10.08
CA GLN E 88 -7.05 -12.27 -9.56
C GLN E 88 -6.81 -11.34 -10.74
N PHE E 89 -7.51 -10.21 -10.76
CA PHE E 89 -7.42 -9.24 -11.85
C PHE E 89 -6.87 -7.92 -11.30
N THR E 90 -6.70 -6.95 -12.18
CA THR E 90 -6.34 -5.60 -11.80
C THR E 90 -7.58 -4.70 -11.83
N PRO E 91 -7.57 -3.60 -11.05
CA PRO E 91 -8.75 -2.72 -11.01
C PRO E 91 -9.21 -2.22 -12.37
N ALA E 92 -8.33 -2.27 -13.38
CA ALA E 92 -8.74 -1.92 -14.74
C ALA E 92 -9.75 -2.90 -15.31
N PHE E 93 -9.79 -4.14 -14.80
CA PHE E 93 -10.76 -5.11 -15.28
C PHE E 93 -12.19 -4.63 -15.08
N LEU E 94 -12.45 -3.86 -14.03
CA LEU E 94 -13.78 -3.36 -13.77
C LEU E 94 -14.17 -2.22 -14.70
N ARG E 95 -13.20 -1.43 -15.16
CA ARG E 95 -13.46 -0.37 -16.13
C ARG E 95 -13.28 -0.87 -17.56
N LEU E 96 -13.97 -1.95 -17.88
CA LEU E 96 -13.90 -2.57 -19.19
C LEU E 96 -15.29 -2.65 -19.80
N ARG E 97 -15.41 -2.24 -21.06
CA ARG E 97 -16.70 -2.28 -21.72
C ARG E 97 -17.10 -3.69 -22.11
N GLN E 98 -16.18 -4.45 -22.71
CA GLN E 98 -16.52 -5.73 -23.32
C GLN E 98 -15.28 -6.60 -23.40
N VAL E 99 -15.43 -7.87 -23.06
CA VAL E 99 -14.36 -8.85 -23.17
C VAL E 99 -14.91 -10.10 -23.85
N GLY E 100 -14.01 -10.85 -24.48
CA GLY E 100 -14.36 -12.05 -25.20
C GLY E 100 -13.69 -13.27 -24.60
N ALA E 101 -14.42 -14.38 -24.57
CA ALA E 101 -13.93 -15.63 -23.99
C ALA E 101 -13.87 -16.69 -25.08
N THR E 102 -12.67 -17.17 -25.38
CA THR E 102 -12.48 -18.27 -26.32
C THR E 102 -12.40 -19.58 -25.53
N VAL E 103 -13.23 -20.55 -25.92
CA VAL E 103 -13.36 -21.80 -25.19
C VAL E 103 -13.11 -22.96 -26.14
N GLU E 104 -12.19 -23.84 -25.76
CA GLU E 104 -11.98 -25.10 -26.45
C GLU E 104 -12.45 -26.23 -25.54
N PHE E 105 -13.10 -27.23 -26.13
CA PHE E 105 -13.68 -28.31 -25.34
C PHE E 105 -13.87 -29.53 -26.23
N THR E 106 -13.86 -30.70 -25.60
CA THR E 106 -14.06 -31.97 -26.30
C THR E 106 -15.42 -32.57 -25.91
N VAL E 107 -15.89 -33.49 -26.75
CA VAL E 107 -17.20 -34.10 -26.61
C VAL E 107 -17.03 -35.60 -26.77
N GLY E 108 -17.93 -36.37 -26.15
CA GLY E 108 -17.92 -37.81 -26.26
C GLY E 108 -18.63 -38.29 -27.52
N ASP E 109 -18.85 -39.61 -27.54
CA ASP E 109 -19.57 -40.21 -28.67
C ASP E 109 -21.04 -39.77 -28.69
N LYS E 110 -21.66 -39.66 -27.52
CA LYS E 110 -23.07 -39.30 -27.46
C LYS E 110 -23.28 -37.89 -28.03
N PRO E 111 -24.22 -37.71 -28.96
CA PRO E 111 -24.41 -36.39 -29.56
C PRO E 111 -24.95 -35.38 -28.57
N VAL E 112 -24.56 -34.12 -28.76
CA VAL E 112 -24.94 -33.02 -27.89
C VAL E 112 -25.80 -32.06 -28.70
N ASN E 113 -27.05 -31.87 -28.26
CA ASN E 113 -27.96 -30.93 -28.89
C ASN E 113 -28.47 -29.92 -27.87
N ASN E 114 -28.54 -28.66 -28.28
CA ASN E 114 -29.00 -27.55 -27.43
C ASN E 114 -28.07 -27.37 -26.23
N PHE E 115 -26.79 -27.15 -26.53
CA PHE E 115 -25.76 -26.95 -25.51
C PHE E 115 -25.73 -25.47 -25.15
N ARG E 116 -26.12 -25.15 -23.92
CA ARG E 116 -26.37 -23.77 -23.49
C ARG E 116 -25.68 -23.53 -22.16
N MET E 117 -25.08 -22.36 -22.00
CA MET E 117 -24.44 -21.96 -20.75
C MET E 117 -25.15 -20.74 -20.18
N ILE E 118 -25.48 -20.80 -18.89
CA ILE E 118 -26.09 -19.69 -18.17
C ILE E 118 -25.16 -19.34 -17.02
N GLU E 119 -24.56 -18.15 -17.08
CA GLU E 119 -23.52 -17.74 -16.15
C GLU E 119 -23.96 -16.48 -15.42
N ARG E 120 -23.99 -16.54 -14.09
CA ARG E 120 -24.52 -15.46 -13.26
C ARG E 120 -23.45 -14.97 -12.30
N HIS E 121 -23.28 -13.66 -12.23
CA HIS E 121 -22.24 -13.04 -11.40
C HIS E 121 -22.90 -12.22 -10.29
N TYR E 122 -22.39 -12.38 -9.07
CA TYR E 122 -22.93 -11.71 -7.91
C TYR E 122 -21.80 -11.03 -7.13
N PHE E 123 -22.13 -9.89 -6.53
CA PHE E 123 -21.27 -9.28 -5.51
C PHE E 123 -22.10 -9.13 -4.24
N ARG E 124 -21.76 -9.92 -3.23
CA ARG E 124 -22.40 -9.85 -1.91
C ARG E 124 -23.92 -9.96 -2.03
N ASN E 125 -24.36 -11.07 -2.61
CA ASN E 125 -25.78 -11.41 -2.72
C ASN E 125 -26.57 -10.41 -3.56
N GLN E 126 -25.89 -9.75 -4.50
CA GLN E 126 -26.54 -8.82 -5.42
C GLN E 126 -26.16 -9.18 -6.85
N LEU E 127 -27.16 -9.42 -7.68
CA LEU E 127 -26.92 -9.84 -9.05
C LEU E 127 -26.27 -8.70 -9.85
N LEU E 128 -25.11 -8.98 -10.42
CA LEU E 128 -24.44 -8.04 -11.30
C LEU E 128 -24.91 -8.21 -12.74
N LYS E 129 -24.73 -9.42 -13.29
CA LYS E 129 -25.23 -9.71 -14.61
C LYS E 129 -25.31 -11.22 -14.78
N SER E 130 -26.23 -11.64 -15.63
CA SER E 130 -26.40 -13.05 -16.01
C SER E 130 -26.25 -13.15 -17.52
N PHE E 131 -25.48 -14.14 -17.96
CA PHE E 131 -25.16 -14.31 -19.37
C PHE E 131 -25.72 -15.62 -19.91
N ASP E 132 -26.34 -15.54 -21.09
CA ASP E 132 -27.00 -16.68 -21.72
C ASP E 132 -26.34 -16.92 -23.08
N PHE E 133 -25.57 -18.00 -23.18
CA PHE E 133 -24.82 -18.35 -24.39
C PHE E 133 -25.30 -19.69 -24.92
N HIS E 134 -25.53 -19.76 -26.23
CA HIS E 134 -25.89 -20.99 -26.92
C HIS E 134 -24.71 -21.41 -27.80
N PHE E 135 -24.17 -22.60 -27.53
CA PHE E 135 -23.09 -23.13 -28.34
C PHE E 135 -23.61 -23.47 -29.73
N GLY E 136 -22.67 -23.52 -30.68
CA GLY E 136 -23.02 -23.91 -32.04
C GLY E 136 -23.25 -25.39 -32.15
N PHE E 137 -23.02 -25.97 -33.33
CA PHE E 137 -23.16 -27.40 -33.50
C PHE E 137 -21.92 -28.11 -32.99
N CYS E 138 -22.12 -29.15 -32.19
CA CYS E 138 -21.03 -29.88 -31.54
C CYS E 138 -20.80 -31.19 -32.27
N ILE E 139 -19.63 -31.29 -32.91
CA ILE E 139 -19.23 -32.50 -33.62
C ILE E 139 -18.81 -33.55 -32.60
N PRO E 140 -19.42 -34.72 -32.58
CA PRO E 140 -19.06 -35.74 -31.58
C PRO E 140 -17.62 -36.19 -31.74
N SER E 141 -16.98 -36.49 -30.61
CA SER E 141 -15.62 -37.05 -30.59
C SER E 141 -14.63 -36.12 -31.28
N SER E 142 -14.66 -34.84 -30.91
CA SER E 142 -13.78 -33.85 -31.52
C SER E 142 -13.62 -32.68 -30.56
N LYS E 143 -12.70 -31.78 -30.92
CA LYS E 143 -12.42 -30.58 -30.12
C LYS E 143 -13.11 -29.39 -30.80
N ASN E 144 -14.33 -29.09 -30.34
CA ASN E 144 -15.03 -27.90 -30.80
C ASN E 144 -14.47 -26.66 -30.11
N THR E 145 -14.64 -25.52 -30.78
CA THR E 145 -14.19 -24.24 -30.25
C THR E 145 -15.36 -23.26 -30.27
N CYS E 146 -15.26 -22.24 -29.42
CA CYS E 146 -16.36 -21.31 -29.23
C CYS E 146 -15.83 -19.97 -28.75
N GLU E 147 -16.62 -18.93 -28.93
CA GLU E 147 -16.27 -17.58 -28.49
C GLU E 147 -17.49 -16.96 -27.82
N HIS E 148 -17.33 -16.55 -26.57
CA HIS E 148 -18.39 -15.90 -25.81
C HIS E 148 -18.06 -14.43 -25.60
N ILE E 149 -19.03 -13.56 -25.88
CA ILE E 149 -18.86 -12.12 -25.73
C ILE E 149 -19.55 -11.66 -24.46
N TYR E 150 -18.81 -10.99 -23.60
CA TYR E 150 -19.31 -10.46 -22.33
C TYR E 150 -19.41 -8.96 -22.44
N ASP E 151 -20.63 -8.42 -22.37
CA ASP E 151 -20.87 -7.00 -22.25
C ASP E 151 -21.09 -6.67 -20.78
N PHE E 152 -20.18 -5.87 -20.22
CA PHE E 152 -20.23 -5.56 -18.79
C PHE E 152 -21.47 -4.73 -18.47
N PRO E 153 -22.10 -4.96 -17.32
CA PRO E 153 -23.18 -4.09 -16.87
C PRO E 153 -22.62 -2.76 -16.39
N PRO E 154 -23.43 -1.70 -16.39
CA PRO E 154 -22.95 -0.42 -15.85
C PRO E 154 -22.70 -0.53 -14.35
N LEU E 155 -21.49 -0.14 -13.93
CA LEU E 155 -21.07 -0.26 -12.56
C LEU E 155 -20.89 1.12 -11.94
N SER E 156 -21.51 1.33 -10.78
CA SER E 156 -21.33 2.59 -10.06
C SER E 156 -19.93 2.66 -9.47
N GLU E 157 -19.44 3.89 -9.30
CA GLU E 157 -18.13 4.08 -8.71
C GLU E 157 -18.07 3.56 -7.27
N GLU E 158 -19.18 3.66 -6.54
CA GLU E 158 -19.25 3.06 -5.22
C GLU E 158 -19.07 1.55 -5.29
N LEU E 159 -19.72 0.91 -6.26
CA LEU E 159 -19.60 -0.54 -6.42
C LEU E 159 -18.18 -0.94 -6.80
N ILE E 160 -17.53 -0.16 -7.67
CA ILE E 160 -16.18 -0.48 -8.10
C ILE E 160 -15.22 -0.45 -6.92
N SER E 161 -15.31 0.60 -6.09
CA SER E 161 -14.46 0.68 -4.91
C SER E 161 -14.76 -0.48 -3.94
N GLU E 162 -16.04 -0.80 -3.77
CA GLU E 162 -16.41 -1.90 -2.90
C GLU E 162 -15.88 -3.23 -3.42
N MET E 163 -16.00 -3.47 -4.72
CA MET E 163 -15.52 -4.74 -5.28
C MET E 163 -14.00 -4.83 -5.22
N ILE E 164 -13.30 -3.72 -5.35
CA ILE E 164 -11.85 -3.72 -5.17
C ILE E 164 -11.49 -4.00 -3.72
N ARG E 165 -12.27 -3.47 -2.78
CA ARG E 165 -11.93 -3.60 -1.36
C ARG E 165 -12.23 -4.97 -0.80
N HIS E 166 -13.19 -5.70 -1.35
CA HIS E 166 -13.63 -6.98 -0.79
C HIS E 166 -13.40 -8.09 -1.81
N PRO E 167 -12.18 -8.62 -1.89
CA PRO E 167 -11.90 -9.71 -2.83
C PRO E 167 -12.66 -10.98 -2.45
N TYR E 168 -12.90 -11.82 -3.45
CA TYR E 168 -13.52 -13.13 -3.34
C TYR E 168 -14.98 -13.07 -2.93
N GLU E 169 -15.53 -11.88 -2.68
CA GLU E 169 -16.97 -11.72 -2.50
C GLU E 169 -17.69 -11.46 -3.81
N THR E 170 -16.96 -11.28 -4.91
CA THR E 170 -17.53 -11.36 -6.25
C THR E 170 -17.44 -12.82 -6.69
N GLN E 171 -18.59 -13.43 -6.94
CA GLN E 171 -18.66 -14.87 -7.21
C GLN E 171 -19.59 -15.13 -8.38
N SER E 172 -19.33 -16.23 -9.08
CA SER E 172 -20.07 -16.55 -10.29
C SER E 172 -20.46 -18.02 -10.32
N ASP E 173 -21.59 -18.29 -10.95
CA ASP E 173 -22.10 -19.64 -11.18
C ASP E 173 -22.21 -19.87 -12.68
N SER E 174 -21.59 -20.95 -13.16
CA SER E 174 -21.68 -21.35 -14.57
C SER E 174 -22.52 -22.62 -14.65
N PHE E 175 -23.72 -22.48 -15.21
CA PHE E 175 -24.62 -23.62 -15.40
C PHE E 175 -24.59 -24.03 -16.87
N TYR E 176 -24.45 -25.33 -17.11
CA TYR E 176 -24.42 -25.89 -18.46
C TYR E 176 -25.58 -26.83 -18.64
N PHE E 177 -26.36 -26.62 -19.69
CA PHE E 177 -27.54 -27.44 -19.96
C PHE E 177 -27.41 -28.07 -21.34
N VAL E 178 -27.83 -29.33 -21.42
CA VAL E 178 -28.02 -30.02 -22.69
C VAL E 178 -29.43 -30.57 -22.69
N ASP E 179 -30.17 -30.32 -23.79
CA ASP E 179 -31.55 -30.75 -23.92
C ASP E 179 -32.38 -30.29 -22.72
N ASP E 180 -32.10 -29.07 -22.26
CA ASP E 180 -32.81 -28.43 -21.13
C ASP E 180 -32.61 -29.17 -19.82
N ARG E 181 -31.49 -29.88 -19.66
CA ARG E 181 -31.17 -30.55 -18.41
C ARG E 181 -29.76 -30.15 -17.98
N LEU E 182 -29.61 -29.81 -16.70
CA LEU E 182 -28.31 -29.39 -16.19
C LEU E 182 -27.36 -30.58 -16.16
N VAL E 183 -26.17 -30.41 -16.74
CA VAL E 183 -25.20 -31.50 -16.83
C VAL E 183 -23.90 -31.12 -16.13
N MET E 184 -23.59 -29.83 -16.07
CA MET E 184 -22.35 -29.35 -15.48
C MET E 184 -22.60 -28.08 -14.67
N HIS E 185 -21.78 -27.87 -13.65
CA HIS E 185 -21.90 -26.70 -12.79
C HIS E 185 -20.51 -26.37 -12.24
N ASN E 186 -19.99 -25.21 -12.62
CA ASN E 186 -18.71 -24.73 -12.13
C ASN E 186 -18.92 -23.42 -11.36
N LYS E 187 -17.92 -23.06 -10.56
CA LYS E 187 -17.97 -21.87 -9.73
C LYS E 187 -16.65 -21.12 -9.83
N ALA E 188 -16.69 -19.83 -9.51
CA ALA E 188 -15.50 -18.99 -9.47
C ALA E 188 -15.74 -17.79 -8.58
N ASP E 189 -14.66 -17.26 -8.00
CA ASP E 189 -14.69 -15.96 -7.34
C ASP E 189 -13.54 -15.11 -7.85
N TYR E 190 -13.61 -13.82 -7.55
CA TYR E 190 -12.79 -12.84 -8.25
C TYR E 190 -12.14 -11.88 -7.27
N SER E 191 -10.98 -11.36 -7.67
CA SER E 191 -10.25 -10.35 -6.93
C SER E 191 -9.71 -9.31 -7.91
N TYR E 192 -9.69 -8.06 -7.47
CA TYR E 192 -9.21 -6.93 -8.28
C TYR E 192 -8.23 -6.14 -7.42
N SER E 193 -6.98 -6.57 -7.40
CA SER E 193 -5.97 -5.96 -6.54
C SER E 193 -4.60 -5.99 -7.20
N PRO F 15 -36.38 33.84 12.44
CA PRO F 15 -36.26 33.32 13.81
C PRO F 15 -37.24 32.18 14.07
N ILE F 16 -36.78 30.94 13.95
CA ILE F 16 -37.61 29.76 14.15
C ILE F 16 -37.17 29.06 15.42
N GLY F 17 -38.08 28.92 16.37
CA GLY F 17 -37.79 28.25 17.62
C GLY F 17 -38.42 26.87 17.67
N PRO F 18 -38.04 26.08 18.68
CA PRO F 18 -38.55 24.70 18.74
C PRO F 18 -40.06 24.60 18.81
N GLU F 19 -40.73 25.59 19.41
CA GLU F 19 -42.18 25.52 19.51
C GLU F 19 -42.87 25.77 18.18
N ASP F 20 -42.16 26.32 17.20
CA ASP F 20 -42.73 26.48 15.86
C ASP F 20 -42.83 25.17 15.11
N VAL F 21 -42.08 24.15 15.52
CA VAL F 21 -42.08 22.86 14.84
C VAL F 21 -42.67 21.73 15.68
N LEU F 22 -42.73 21.87 17.00
CA LEU F 22 -43.14 20.78 17.89
C LEU F 22 -44.61 20.41 17.74
N GLY F 23 -45.40 21.21 17.02
CA GLY F 23 -46.81 20.89 16.83
C GLY F 23 -47.21 20.55 15.41
N LEU F 24 -46.26 20.53 14.48
CA LEU F 24 -46.58 20.29 13.07
C LEU F 24 -47.22 18.93 12.88
N GLN F 25 -48.24 18.87 12.02
CA GLN F 25 -48.90 17.64 11.63
C GLN F 25 -48.60 17.23 10.19
N ARG F 26 -47.79 18.01 9.47
CA ARG F 26 -47.39 17.71 8.11
C ARG F 26 -45.89 17.86 7.96
N ILE F 27 -45.32 17.09 7.03
CA ILE F 27 -43.96 17.34 6.56
C ILE F 27 -43.89 18.76 5.99
N THR F 28 -42.76 19.42 6.21
CA THR F 28 -42.58 20.75 5.64
C THR F 28 -42.55 20.69 4.13
N GLY F 29 -43.12 21.71 3.48
CA GLY F 29 -43.06 21.78 2.03
C GLY F 29 -41.66 22.00 1.53
N ASP F 30 -40.90 22.87 2.17
CA ASP F 30 -39.53 23.19 1.79
C ASP F 30 -38.69 23.31 3.05
N TYR F 31 -37.37 23.46 2.88
CA TYR F 31 -36.49 23.67 4.01
C TYR F 31 -36.82 24.99 4.69
N LEU F 32 -36.73 25.02 6.01
CA LEU F 32 -37.00 26.22 6.79
C LEU F 32 -35.72 27.02 7.07
N CYS F 33 -34.59 26.62 6.50
CA CYS F 33 -33.37 27.39 6.64
C CYS F 33 -32.39 26.99 5.55
N SER F 34 -31.63 27.97 5.06
CA SER F 34 -30.61 27.73 4.04
C SER F 34 -29.40 27.04 4.65
N PRO F 35 -28.56 26.41 3.82
CA PRO F 35 -27.33 25.80 4.36
C PRO F 35 -26.39 26.82 5.00
N GLU F 36 -26.53 28.11 4.68
CA GLU F 36 -25.70 29.15 5.27
C GLU F 36 -26.20 29.59 6.64
N GLU F 37 -27.37 29.10 7.08
CA GLU F 37 -27.83 29.37 8.43
C GLU F 37 -26.98 28.63 9.47
N ASN F 38 -26.17 27.67 9.04
CA ASN F 38 -25.35 26.84 9.93
C ASN F 38 -24.04 27.57 10.23
N ILE F 39 -24.16 28.60 11.08
CA ILE F 39 -23.03 29.48 11.36
C ILE F 39 -22.06 28.80 12.33
N TYR F 40 -22.43 27.61 12.82
CA TYR F 40 -21.59 26.87 13.74
C TYR F 40 -20.77 25.78 13.07
N LYS F 41 -20.86 25.66 11.73
CA LYS F 41 -20.03 24.72 10.97
C LYS F 41 -20.20 23.28 11.46
N ILE F 42 -21.42 22.91 11.82
CA ILE F 42 -21.72 21.54 12.23
C ILE F 42 -21.85 20.69 10.96
N ASP F 43 -20.99 19.68 10.85
CA ASP F 43 -20.98 18.78 9.70
C ASP F 43 -20.97 17.35 10.19
N PHE F 44 -21.97 16.57 9.79
CA PHE F 44 -22.06 15.17 10.17
C PHE F 44 -21.16 14.32 9.27
N VAL F 45 -20.42 13.40 9.88
CA VAL F 45 -19.42 12.60 9.19
C VAL F 45 -19.79 11.12 9.18
N ARG F 46 -20.29 10.59 10.30
CA ARG F 46 -20.64 9.18 10.39
C ARG F 46 -22.03 9.04 10.97
N PHE F 47 -22.73 7.99 10.51
CA PHE F 47 -24.12 7.75 10.88
C PHE F 47 -24.37 6.25 10.83
N LYS F 48 -24.55 5.63 12.00
CA LYS F 48 -24.69 4.18 12.10
C LYS F 48 -25.98 3.84 12.83
N ILE F 49 -26.86 3.11 12.16
CA ILE F 49 -28.15 2.68 12.71
C ILE F 49 -28.03 1.21 13.09
N ARG F 50 -28.50 0.87 14.30
CA ARG F 50 -28.47 -0.51 14.76
C ARG F 50 -29.69 -0.80 15.63
N ASP F 51 -30.20 -2.02 15.51
CA ASP F 51 -31.26 -2.48 16.39
C ASP F 51 -30.69 -2.77 17.77
N MET F 52 -31.37 -2.29 18.81
CA MET F 52 -30.93 -2.51 20.17
C MET F 52 -31.27 -3.89 20.69
N ASP F 53 -32.14 -4.64 20.01
CA ASP F 53 -32.49 -5.98 20.45
C ASP F 53 -31.44 -7.00 20.02
N SER F 54 -30.88 -6.85 18.82
CA SER F 54 -29.94 -7.82 18.27
C SER F 54 -28.53 -7.28 18.07
N GLY F 55 -28.37 -5.96 18.01
CA GLY F 55 -27.08 -5.37 17.73
C GLY F 55 -26.73 -5.29 16.26
N THR F 56 -27.58 -5.82 15.38
CA THR F 56 -27.30 -5.78 13.95
C THR F 56 -27.30 -4.35 13.45
N VAL F 57 -26.31 -4.01 12.63
CA VAL F 57 -26.19 -2.67 12.06
C VAL F 57 -27.15 -2.58 10.88
N LEU F 58 -28.24 -1.82 11.06
CA LEU F 58 -29.23 -1.68 10.00
C LEU F 58 -28.70 -0.82 8.85
N PHE F 59 -27.93 0.21 9.17
CA PHE F 59 -27.45 1.16 8.17
C PHE F 59 -26.21 1.85 8.71
N GLU F 60 -25.27 2.15 7.82
CA GLU F 60 -24.04 2.81 8.21
C GLU F 60 -23.46 3.51 6.98
N ILE F 61 -22.76 4.62 7.23
CA ILE F 61 -22.17 5.40 6.13
C ILE F 61 -21.05 6.29 6.64
N ARG F 83 -28.50 17.33 2.32
CA ARG F 83 -29.67 17.75 3.09
C ARG F 83 -30.86 16.82 2.84
N PHE F 84 -30.70 15.87 1.93
CA PHE F 84 -31.76 14.92 1.62
C PHE F 84 -31.17 13.53 1.46
N VAL F 85 -31.82 12.53 2.07
CA VAL F 85 -31.39 11.14 2.05
C VAL F 85 -32.59 10.25 1.76
N ARG F 86 -32.36 9.17 1.02
CA ARG F 86 -33.37 8.17 0.74
C ARG F 86 -32.94 6.86 1.39
N TYR F 87 -33.83 6.26 2.17
CA TYR F 87 -33.52 5.09 2.99
C TYR F 87 -34.34 3.89 2.49
N GLN F 88 -33.65 2.81 2.17
CA GLN F 88 -34.27 1.54 1.79
C GLN F 88 -34.06 0.53 2.91
N PHE F 89 -35.16 0.00 3.45
CA PHE F 89 -35.13 -0.89 4.60
C PHE F 89 -35.98 -2.13 4.32
N THR F 90 -35.83 -3.12 5.20
CA THR F 90 -36.58 -4.36 5.14
C THR F 90 -37.97 -4.19 5.77
N PRO F 91 -38.93 -5.03 5.39
CA PRO F 91 -40.22 -5.00 6.09
C PRO F 91 -40.12 -5.27 7.58
N ALA F 92 -39.14 -6.08 8.00
CA ALA F 92 -38.93 -6.32 9.42
C ALA F 92 -38.43 -5.09 10.16
N PHE F 93 -38.03 -4.04 9.44
CA PHE F 93 -37.62 -2.80 10.09
C PHE F 93 -38.79 -2.15 10.83
N LEU F 94 -39.99 -2.25 10.27
CA LEU F 94 -41.17 -1.69 10.92
C LEU F 94 -41.52 -2.42 12.22
N ARG F 95 -41.08 -3.68 12.37
CA ARG F 95 -41.35 -4.46 13.57
C ARG F 95 -40.41 -4.16 14.72
N LEU F 96 -39.38 -3.35 14.50
CA LEU F 96 -38.39 -3.10 15.53
C LEU F 96 -39.00 -2.36 16.71
N ARG F 97 -38.52 -2.69 17.91
CA ARG F 97 -38.96 -2.04 19.14
C ARG F 97 -38.16 -0.78 19.42
N GLN F 98 -36.84 -0.90 19.49
CA GLN F 98 -35.96 0.21 19.80
C GLN F 98 -34.76 0.19 18.86
N VAL F 99 -34.35 1.38 18.42
CA VAL F 99 -33.23 1.54 17.49
C VAL F 99 -32.27 2.57 18.05
N GLY F 100 -30.99 2.23 18.09
CA GLY F 100 -29.97 3.17 18.51
C GLY F 100 -29.15 3.69 17.35
N ALA F 101 -29.09 5.00 17.20
CA ALA F 101 -28.35 5.65 16.12
C ALA F 101 -27.13 6.37 16.69
N THR F 102 -25.98 6.18 16.05
CA THR F 102 -24.75 6.84 16.44
C THR F 102 -24.42 7.92 15.41
N VAL F 103 -24.06 9.11 15.89
CA VAL F 103 -23.71 10.23 15.02
C VAL F 103 -22.37 10.79 15.45
N GLU F 104 -21.53 11.13 14.47
CA GLU F 104 -20.27 11.82 14.71
C GLU F 104 -20.27 13.10 13.88
N PHE F 105 -19.89 14.22 14.51
CA PHE F 105 -19.96 15.51 13.84
C PHE F 105 -18.84 16.40 14.33
N THR F 106 -18.55 17.42 13.53
CA THR F 106 -17.50 18.40 13.82
C THR F 106 -18.11 19.77 14.08
N VAL F 107 -17.37 20.58 14.84
CA VAL F 107 -17.81 21.91 15.24
C VAL F 107 -16.78 22.92 14.78
N GLY F 108 -17.24 24.12 14.46
CA GLY F 108 -16.36 25.22 14.10
C GLY F 108 -15.76 25.87 15.32
N ASP F 109 -15.29 27.10 15.12
CA ASP F 109 -14.63 27.83 16.21
C ASP F 109 -15.63 28.34 17.24
N LYS F 110 -16.78 28.83 16.78
CA LYS F 110 -17.79 29.37 17.70
C LYS F 110 -18.33 28.25 18.59
N PRO F 111 -18.40 28.44 19.90
CA PRO F 111 -18.91 27.38 20.78
C PRO F 111 -20.38 27.11 20.52
N VAL F 112 -20.79 25.87 20.79
CA VAL F 112 -22.16 25.44 20.57
C VAL F 112 -22.78 25.10 21.93
N ASN F 113 -23.84 25.81 22.28
CA ASN F 113 -24.59 25.59 23.51
C ASN F 113 -26.03 25.26 23.19
N ASN F 114 -26.59 24.28 23.91
CA ASN F 114 -27.97 23.84 23.73
C ASN F 114 -28.22 23.30 22.33
N PHE F 115 -27.37 22.36 21.92
CA PHE F 115 -27.57 21.66 20.66
C PHE F 115 -28.73 20.68 20.83
N ARG F 116 -29.70 20.74 19.91
CA ARG F 116 -30.96 20.02 20.11
C ARG F 116 -31.60 19.70 18.77
N MET F 117 -31.73 18.41 18.46
CA MET F 117 -32.41 17.96 17.26
C MET F 117 -33.84 17.55 17.59
N ILE F 118 -34.79 18.06 16.81
CA ILE F 118 -36.20 17.66 16.89
C ILE F 118 -36.56 17.01 15.55
N GLU F 119 -36.86 15.72 15.60
CA GLU F 119 -37.09 14.91 14.41
C GLU F 119 -38.48 14.31 14.44
N ARG F 120 -39.24 14.50 13.36
CA ARG F 120 -40.64 14.09 13.28
C ARG F 120 -40.86 13.24 12.04
N HIS F 121 -41.54 12.10 12.22
CA HIS F 121 -41.78 11.15 11.15
C HIS F 121 -43.27 11.09 10.82
N TYR F 122 -43.59 11.15 9.54
CA TYR F 122 -44.97 11.13 9.08
C TYR F 122 -45.15 10.08 7.99
N PHE F 123 -46.36 9.53 7.90
CA PHE F 123 -46.76 8.72 6.76
C PHE F 123 -47.94 9.43 6.10
N ARG F 124 -47.73 9.87 4.85
CA ARG F 124 -48.67 10.73 4.13
C ARG F 124 -48.84 11.99 4.95
N ASN F 125 -50.06 12.36 5.33
CA ASN F 125 -50.31 13.55 6.13
C ASN F 125 -50.44 13.24 7.62
N GLN F 126 -49.95 12.09 8.06
CA GLN F 126 -50.24 11.57 9.39
C GLN F 126 -48.94 11.44 10.18
N LEU F 127 -48.84 12.17 11.29
CA LEU F 127 -47.65 12.10 12.14
C LEU F 127 -47.54 10.73 12.79
N LEU F 128 -46.38 10.11 12.65
CA LEU F 128 -46.13 8.82 13.27
C LEU F 128 -45.52 8.96 14.66
N LYS F 129 -44.41 9.71 14.76
CA LYS F 129 -43.82 10.02 16.06
C LYS F 129 -42.83 11.16 15.89
N SER F 130 -42.67 11.95 16.96
CA SER F 130 -41.70 13.04 17.03
C SER F 130 -40.66 12.71 18.10
N PHE F 131 -39.40 13.05 17.83
CA PHE F 131 -38.29 12.75 18.72
C PHE F 131 -37.55 14.02 19.10
N ASP F 132 -37.22 14.15 20.39
CA ASP F 132 -36.62 15.36 20.96
C ASP F 132 -35.33 14.97 21.68
N PHE F 133 -34.19 15.10 21.00
CA PHE F 133 -32.90 14.75 21.57
C PHE F 133 -32.12 16.01 21.91
N HIS F 134 -31.51 16.02 23.09
CA HIS F 134 -30.60 17.06 23.51
C HIS F 134 -29.18 16.52 23.47
N PHE F 135 -28.30 17.23 22.76
CA PHE F 135 -26.90 16.84 22.70
C PHE F 135 -26.21 17.19 24.01
N GLY F 136 -25.17 16.41 24.33
CA GLY F 136 -24.28 16.76 25.41
C GLY F 136 -23.41 17.93 25.02
N PHE F 137 -22.52 18.31 25.94
CA PHE F 137 -21.62 19.42 25.69
C PHE F 137 -20.79 19.17 24.43
N CYS F 138 -20.75 20.16 23.55
CA CYS F 138 -20.01 20.07 22.30
C CYS F 138 -18.73 20.87 22.40
N ILE F 139 -17.60 20.20 22.19
CA ILE F 139 -16.30 20.87 22.23
C ILE F 139 -16.06 21.53 20.87
N PRO F 140 -15.87 22.84 20.81
CA PRO F 140 -15.62 23.50 19.52
C PRO F 140 -14.33 23.03 18.88
N SER F 141 -14.31 23.08 17.54
CA SER F 141 -13.16 22.66 16.74
C SER F 141 -12.76 21.22 17.05
N SER F 142 -13.76 20.35 17.19
CA SER F 142 -13.51 18.98 17.61
C SER F 142 -14.51 18.04 16.97
N LYS F 143 -14.16 16.75 16.99
CA LYS F 143 -15.03 15.68 16.47
C LYS F 143 -15.83 15.14 17.64
N ASN F 144 -17.04 15.67 17.82
CA ASN F 144 -17.92 15.19 18.88
C ASN F 144 -18.63 13.92 18.44
N THR F 145 -19.11 13.17 19.42
CA THR F 145 -19.85 11.94 19.17
C THR F 145 -21.09 11.92 20.07
N CYS F 146 -22.15 11.27 19.57
CA CYS F 146 -23.41 11.22 20.29
C CYS F 146 -24.21 10.02 19.83
N GLU F 147 -25.03 9.49 20.73
CA GLU F 147 -25.90 8.36 20.42
C GLU F 147 -27.34 8.72 20.76
N HIS F 148 -28.26 8.38 19.86
CA HIS F 148 -29.68 8.65 20.03
C HIS F 148 -30.42 7.33 20.12
N ILE F 149 -31.33 7.23 21.08
CA ILE F 149 -32.11 6.01 21.31
C ILE F 149 -33.54 6.27 20.83
N TYR F 150 -33.94 5.58 19.77
CA TYR F 150 -35.26 5.73 19.17
C TYR F 150 -36.19 4.65 19.71
N ASP F 151 -37.29 5.07 20.33
CA ASP F 151 -38.34 4.16 20.76
C ASP F 151 -39.50 4.21 19.77
N PHE F 152 -39.78 3.10 19.10
CA PHE F 152 -40.82 3.04 18.09
C PHE F 152 -42.20 3.16 18.74
N PRO F 153 -43.15 3.79 18.06
CA PRO F 153 -44.53 3.83 18.54
C PRO F 153 -45.24 2.53 18.19
N PRO F 154 -46.40 2.26 18.82
CA PRO F 154 -47.12 1.03 18.47
C PRO F 154 -47.72 1.13 17.07
N LEU F 155 -47.11 0.45 16.11
CA LEU F 155 -47.49 0.58 14.70
C LEU F 155 -48.63 -0.37 14.38
N SER F 156 -49.75 0.18 13.93
CA SER F 156 -50.90 -0.62 13.55
C SER F 156 -50.53 -1.62 12.45
N GLU F 157 -51.13 -2.80 12.51
CA GLU F 157 -50.89 -3.80 11.46
C GLU F 157 -51.38 -3.29 10.11
N GLU F 158 -52.50 -2.56 10.11
CA GLU F 158 -52.96 -1.93 8.88
C GLU F 158 -51.96 -0.88 8.38
N LEU F 159 -51.46 -0.05 9.30
CA LEU F 159 -50.53 1.01 8.91
C LEU F 159 -49.22 0.44 8.38
N ILE F 160 -48.77 -0.69 8.96
CA ILE F 160 -47.53 -1.31 8.50
C ILE F 160 -47.66 -1.74 7.04
N SER F 161 -48.79 -2.34 6.68
CA SER F 161 -48.98 -2.80 5.32
C SER F 161 -48.95 -1.64 4.33
N GLU F 162 -49.60 -0.52 4.67
CA GLU F 162 -49.62 0.63 3.78
C GLU F 162 -48.23 1.21 3.61
N MET F 163 -47.45 1.29 4.69
CA MET F 163 -46.12 1.89 4.61
C MET F 163 -45.22 1.11 3.65
N ILE F 164 -45.28 -0.22 3.72
CA ILE F 164 -44.52 -1.05 2.78
C ILE F 164 -45.02 -0.82 1.35
N ARG F 165 -46.35 -0.79 1.17
CA ARG F 165 -46.93 -0.68 -0.16
C ARG F 165 -46.68 0.68 -0.80
N HIS F 166 -46.37 1.72 -0.02
CA HIS F 166 -46.26 3.08 -0.53
C HIS F 166 -44.88 3.63 -0.15
N PRO F 167 -43.83 3.23 -0.86
CA PRO F 167 -42.49 3.74 -0.53
C PRO F 167 -42.38 5.23 -0.78
N TYR F 168 -41.49 5.86 -0.02
CA TYR F 168 -41.15 7.29 -0.09
C TYR F 168 -42.28 8.19 0.37
N GLU F 169 -43.42 7.64 0.81
CA GLU F 169 -44.47 8.43 1.42
C GLU F 169 -44.40 8.41 2.94
N THR F 170 -43.39 7.74 3.51
CA THR F 170 -43.00 7.91 4.90
C THR F 170 -41.81 8.86 4.90
N GLN F 171 -42.03 10.10 5.37
CA GLN F 171 -41.04 11.15 5.30
C GLN F 171 -40.78 11.71 6.69
N SER F 172 -39.62 12.35 6.85
CA SER F 172 -39.23 12.87 8.16
C SER F 172 -38.46 14.17 8.02
N ASP F 173 -38.70 15.07 8.97
CA ASP F 173 -37.96 16.32 9.11
C ASP F 173 -37.02 16.21 10.30
N SER F 174 -35.80 16.69 10.13
CA SER F 174 -34.80 16.73 11.20
C SER F 174 -34.42 18.18 11.44
N PHE F 175 -35.03 18.80 12.45
CA PHE F 175 -34.73 20.17 12.82
C PHE F 175 -33.58 20.21 13.81
N TYR F 176 -32.68 21.18 13.65
CA TYR F 176 -31.51 21.31 14.51
C TYR F 176 -31.46 22.72 15.08
N PHE F 177 -31.37 22.81 16.41
CA PHE F 177 -31.44 24.08 17.12
C PHE F 177 -30.20 24.28 17.98
N VAL F 178 -29.64 25.49 17.92
CA VAL F 178 -28.63 25.96 18.86
C VAL F 178 -29.19 27.19 19.55
N ASP F 179 -29.31 27.12 20.88
CA ASP F 179 -29.95 28.18 21.67
C ASP F 179 -31.32 28.52 21.12
N ASP F 180 -32.09 27.47 20.78
CA ASP F 180 -33.46 27.60 20.30
C ASP F 180 -33.54 28.40 19.00
N ARG F 181 -32.48 28.36 18.20
CA ARG F 181 -32.45 28.97 16.88
C ARG F 181 -32.22 27.89 15.83
N LEU F 182 -33.11 27.83 14.84
CA LEU F 182 -32.99 26.82 13.79
C LEU F 182 -31.74 27.09 12.95
N VAL F 183 -30.82 26.12 12.94
CA VAL F 183 -29.57 26.27 12.20
C VAL F 183 -29.36 25.20 11.15
N MET F 184 -30.03 24.04 11.24
CA MET F 184 -29.95 23.03 10.20
C MET F 184 -31.33 22.42 9.99
N HIS F 185 -31.51 21.84 8.81
CA HIS F 185 -32.76 21.16 8.47
C HIS F 185 -32.45 20.10 7.42
N ASN F 186 -32.51 18.83 7.82
CA ASN F 186 -32.29 17.70 6.93
C ASN F 186 -33.59 16.93 6.76
N LYS F 187 -33.87 16.50 5.53
CA LYS F 187 -35.10 15.81 5.19
C LYS F 187 -34.80 14.42 4.66
N ALA F 188 -35.74 13.51 4.86
CA ALA F 188 -35.57 12.13 4.40
C ALA F 188 -36.92 11.49 4.19
N ASP F 189 -36.98 10.57 3.24
CA ASP F 189 -38.13 9.69 3.07
C ASP F 189 -37.64 8.25 3.07
N TYR F 190 -38.56 7.33 3.34
CA TYR F 190 -38.23 5.96 3.68
C TYR F 190 -38.94 4.99 2.75
N SER F 191 -38.24 3.90 2.44
CA SER F 191 -38.79 2.82 1.63
C SER F 191 -38.62 1.53 2.41
N TYR F 192 -39.72 0.88 2.76
CA TYR F 192 -39.70 -0.36 3.50
C TYR F 192 -39.99 -1.57 2.62
N SER F 193 -39.92 -1.39 1.30
CA SER F 193 -40.01 -2.50 0.34
C SER F 193 -38.59 -2.76 -0.16
N GLY F 194 -38.04 -3.91 0.22
CA GLY F 194 -36.67 -4.22 -0.17
C GLY F 194 -36.36 -5.68 0.12
N THR F 195 -35.26 -6.13 -0.47
CA THR F 195 -34.86 -7.52 -0.31
C THR F 195 -34.40 -7.79 1.12
N PRO F 196 -34.68 -8.99 1.67
CA PRO F 196 -34.25 -9.39 3.01
C PRO F 196 -32.75 -9.67 3.10
C1 FAR G . 25.82 -8.92 -9.39
C2 FAR G . 24.99 -10.16 -9.52
C3 FAR G . 24.19 -10.50 -10.54
C5 FAR G . 23.41 -11.79 -10.52
C6 FAR G . 23.40 -12.59 -9.20
C7 FAR G . 22.00 -12.78 -8.68
C8 FAR G . 21.48 -13.83 -8.02
C9 FAR G . 20.04 -13.82 -7.57
C11 FAR G . 19.15 -14.91 -8.21
C12 FAR G . 17.69 -14.64 -7.97
C13 FAR G . 16.69 -15.51 -7.84
C14 FAR G . 16.93 -16.98 -7.93
C15 FAR G . 15.26 -15.13 -7.61
C4 FAR G . 23.97 -9.63 -11.74
C10 FAR G . 22.25 -15.05 -7.64
C1 FAR H . 36.56 -3.33 17.89
C2 FAR H . 35.19 -3.45 18.46
C3 FAR H . 34.81 -3.41 19.74
C5 FAR H . 33.34 -3.57 20.09
C6 FAR H . 32.93 -3.07 21.49
C7 FAR H . 31.69 -2.24 21.41
C8 FAR H . 30.98 -1.74 22.43
C9 FAR H . 29.74 -0.91 22.16
C11 FAR H . 29.83 0.48 22.82
C12 FAR H . 29.02 1.51 22.09
C13 FAR H . 28.77 2.77 22.48
C14 FAR H . 29.32 3.30 23.77
C15 FAR H . 27.95 3.76 21.70
C4 FAR H . 35.75 -3.24 20.89
C10 FAR H . 31.32 -1.94 23.88
C1 FAR I . -1.99 -15.32 14.08
C2 FAR I . -0.92 -14.37 13.65
C3 FAR I . -0.86 -13.60 12.56
C5 FAR I . 0.33 -12.71 12.30
C6 FAR I . -0.11 -11.30 11.85
C7 FAR I . 0.61 -10.81 10.63
C8 FAR I . 1.02 -9.56 10.45
C9 FAR I . 0.78 -8.55 11.54
C11 FAR I . 0.41 -7.14 11.08
C12 FAR I . 0.41 -6.26 12.30
C13 FAR I . 0.28 -4.93 12.38
C14 FAR I . 0.14 -4.11 11.13
C15 FAR I . 0.29 -4.13 13.65
C4 FAR I . -1.94 -13.55 11.51
C10 FAR I . 1.73 -9.05 9.23
C1 FAR J . -4.92 29.93 -18.20
C2 FAR J . -5.76 31.10 -18.59
C3 FAR J . -6.07 31.50 -19.82
C5 FAR J . -6.94 32.70 -20.10
C6 FAR J . -7.30 33.66 -18.94
C7 FAR J . -7.65 35.00 -19.51
C8 FAR J . -8.80 35.69 -19.54
C9 FAR J . -10.07 35.16 -18.91
C11 FAR J . -11.07 36.28 -18.48
C12 FAR J . -11.72 35.96 -17.17
C13 FAR J . -12.92 36.36 -16.71
C14 FAR J . -13.41 35.94 -15.36
C15 FAR J . -13.87 37.26 -17.43
C4 FAR J . -5.59 30.79 -21.06
C10 FAR J . -8.95 37.04 -20.18
C1 FAR K . -15.49 -20.08 -14.45
C2 FAR K . -15.17 -18.65 -14.68
C3 FAR K . -15.44 -17.90 -15.76
C5 FAR K . -15.04 -16.44 -15.79
C6 FAR K . -15.81 -15.57 -16.80
C7 FAR K . -16.00 -14.17 -16.28
C8 FAR K . -15.86 -13.01 -16.91
C9 FAR K . -16.11 -11.71 -16.19
C11 FAR K . -17.51 -11.08 -16.36
C12 FAR K . -17.62 -9.83 -15.55
C13 FAR K . -18.67 -9.26 -14.94
C14 FAR K . -20.04 -9.86 -15.03
C15 FAR K . -18.61 -7.99 -14.15
C4 FAR K . -16.14 -18.42 -16.99
C10 FAR K . -15.45 -12.86 -18.36
#